data_4X7E
#
_entry.id   4X7E
#
_cell.length_a   51.940
_cell.length_b   133.100
_cell.length_c   67.570
_cell.angle_alpha   90.000
_cell.angle_beta   112.540
_cell.angle_gamma   90.000
#
_symmetry.space_group_name_H-M   'P 1 21 1'
#
loop_
_entity.id
_entity.type
_entity.pdbx_description
1 polymer 'Capsid protein'
2 polymer 'Nano-85 Nanobody'
3 non-polymer 1,2-ETHANEDIOL
4 non-polymer 'ACETATE ION'
5 water water
#
loop_
_entity_poly.entity_id
_entity_poly.type
_entity_poly.pdbx_seq_one_letter_code
_entity_poly.pdbx_strand_id
1 'polypeptide(L)'
;SKPFTLPILTLGELTNSRFPLPIDVLYTNPNESAIVQCQNGRCTLDGELQGTTQLLPTGICAFRGKVTQQVQDEHRGTHW
NMTVTNLNGTPFDPTEDVPAPLGTPDFSGQIYGVISQRNTNTVPGEGNLPANRAHEAVIATYSPKFTPKLGNIQFSTWET
QDVSSGQPTKFTPVGLASVDANSHFDQWTLPSYSGALTLNMNLAPSVAPVFPGECLLFFRSFIPLKGGYGNPAIDCLMPQ
EWVQHLYQESAPSLSDVALVRYVNPETGRTLFEAKLHRNGFLTVARNSAGPVVAPTNGYFRFDSWVNQFYTLAPM
;
A,B
2 'polypeptide(L)'
;DVQLVESGGGLVQPGGSLRLSCAASGSIFSIYAMGWYRQAPGKQRELVASISSGGGTNYADSVKGRFTISGDNAKNTVYL
QMNSLKPEDTAVYYCKREDYSAYAPPSGSRGRGTQVTVSSHHHHHH
;
C,D
#
loop_
_chem_comp.id
_chem_comp.type
_chem_comp.name
_chem_comp.formula
ACT non-polymer 'ACETATE ION' 'C2 H3 O2 -1'
EDO non-polymer 1,2-ETHANEDIOL 'C2 H6 O2'
#
# COMPACT_ATOMS: atom_id res chain seq x y z
N SER A 1 5.70 3.23 -21.92
CA SER A 1 4.41 3.83 -22.22
C SER A 1 3.34 3.34 -21.25
N LYS A 2 3.76 2.98 -20.04
CA LYS A 2 2.86 2.45 -19.03
C LYS A 2 1.84 3.50 -18.57
N PRO A 3 0.55 3.13 -18.58
CA PRO A 3 -0.53 4.04 -18.17
C PRO A 3 -0.45 4.44 -16.70
N PHE A 4 -0.70 5.70 -16.42
CA PHE A 4 -0.74 6.22 -15.05
C PHE A 4 -2.02 5.81 -14.33
N THR A 5 -1.91 5.37 -13.08
CA THR A 5 -3.06 4.98 -12.28
C THR A 5 -2.95 5.43 -10.83
N LEU A 6 -4.09 5.49 -10.16
CA LEU A 6 -4.16 5.75 -8.72
C LEU A 6 -4.76 4.54 -8.04
N PRO A 7 -4.46 4.35 -6.73
CA PRO A 7 -5.14 3.29 -5.98
C PRO A 7 -6.65 3.53 -5.96
N ILE A 8 -7.44 2.45 -5.97
CA ILE A 8 -8.89 2.59 -5.92
C ILE A 8 -9.40 2.50 -4.49
N LEU A 9 -8.49 2.69 -3.54
CA LEU A 9 -8.86 2.73 -2.13
C LEU A 9 -9.71 3.96 -1.82
N THR A 10 -10.75 3.77 -1.02
CA THR A 10 -11.61 4.88 -0.61
C THR A 10 -10.99 5.67 0.53
N LEU A 11 -11.64 6.76 0.90
CA LEU A 11 -11.09 7.69 1.91
C LEU A 11 -10.90 7.00 3.25
N GLY A 12 -11.83 6.12 3.61
CA GLY A 12 -11.73 5.35 4.83
C GLY A 12 -10.74 4.20 4.76
N GLU A 13 -10.13 4.02 3.60
CA GLU A 13 -9.12 2.97 3.41
C GLU A 13 -7.74 3.58 3.16
N LEU A 14 -7.53 4.80 3.63
CA LEU A 14 -6.29 5.53 3.39
C LEU A 14 -5.62 6.00 4.69
N THR A 15 -4.31 6.19 4.62
CA THR A 15 -3.50 6.53 5.78
C THR A 15 -2.71 7.81 5.54
N ASN A 16 -2.55 8.63 6.58
CA ASN A 16 -1.78 9.86 6.48
C ASN A 16 -0.30 9.55 6.27
N SER A 17 0.35 10.34 5.43
CA SER A 17 1.74 10.10 5.09
C SER A 17 2.71 10.97 5.92
N ARG A 18 2.16 11.80 6.79
CA ARG A 18 2.99 12.65 7.64
C ARG A 18 2.92 12.24 9.11
N PHE A 19 1.96 11.40 9.44
CA PHE A 19 1.86 10.80 10.78
C PHE A 19 1.04 9.52 10.68
N PRO A 20 1.37 8.50 11.48
CA PRO A 20 0.65 7.22 11.36
C PRO A 20 -0.81 7.32 11.83
N LEU A 21 -1.66 7.88 10.98
CA LEU A 21 -3.06 8.08 11.30
C LEU A 21 -3.94 7.76 10.09
N PRO A 22 -5.18 7.31 10.34
CA PRO A 22 -6.13 7.16 9.22
C PRO A 22 -6.52 8.52 8.64
N ILE A 23 -6.83 8.58 7.35
CA ILE A 23 -7.40 9.79 6.79
C ILE A 23 -8.81 9.98 7.35
N ASP A 24 -9.08 11.16 7.88
CA ASP A 24 -10.38 11.44 8.48
C ASP A 24 -11.30 12.23 7.54
N VAL A 25 -10.77 13.31 6.98
CA VAL A 25 -11.55 14.18 6.10
C VAL A 25 -10.67 14.82 5.03
N LEU A 26 -11.29 15.25 3.94
CA LEU A 26 -10.63 16.14 2.99
C LEU A 26 -10.80 17.57 3.45
N TYR A 27 -9.80 18.41 3.19
CA TYR A 27 -9.74 19.72 3.82
C TYR A 27 -9.07 20.76 2.94
N THR A 28 -9.62 21.98 2.96
CA THR A 28 -9.00 23.11 2.26
C THR A 28 -8.87 24.30 3.20
N ASN A 29 -7.86 25.13 2.96
CA ASN A 29 -7.72 26.40 3.68
C ASN A 29 -6.98 27.42 2.83
N PRO A 30 -7.74 28.15 1.99
CA PRO A 30 -7.18 29.17 1.08
C PRO A 30 -6.50 30.31 1.80
N ASN A 31 -6.89 30.56 3.05
CA ASN A 31 -6.37 31.71 3.79
C ASN A 31 -5.04 31.41 4.49
N GLU A 32 -4.53 30.20 4.28
CA GLU A 32 -3.24 29.82 4.85
C GLU A 32 -2.14 30.74 4.34
N SER A 33 -1.41 31.38 5.25
CA SER A 33 -0.36 32.32 4.88
C SER A 33 1.00 31.63 4.85
N ALA A 34 1.11 30.51 5.55
CA ALA A 34 2.38 29.81 5.68
C ALA A 34 2.78 29.11 4.39
N ILE A 35 4.09 28.92 4.21
CA ILE A 35 4.62 28.16 3.09
C ILE A 35 4.38 26.67 3.31
N VAL A 36 3.77 26.01 2.33
CA VAL A 36 3.53 24.58 2.43
C VAL A 36 4.70 23.81 1.81
N GLN A 37 5.56 23.26 2.66
CA GLN A 37 6.74 22.55 2.20
C GLN A 37 7.06 21.36 3.09
N CYS A 38 6.07 20.50 3.34
CA CYS A 38 6.30 19.28 4.10
C CYS A 38 7.28 18.35 3.38
N GLN A 39 7.98 17.52 4.13
CA GLN A 39 9.02 16.67 3.58
C GLN A 39 8.63 15.20 3.53
N ASN A 40 7.69 14.80 4.38
CA ASN A 40 7.13 13.46 4.32
C ASN A 40 5.89 13.44 3.43
N GLY A 41 5.62 12.29 2.84
CA GLY A 41 4.49 12.16 1.93
C GLY A 41 4.72 12.93 0.66
N ARG A 42 5.97 12.98 0.22
CA ARG A 42 6.35 13.69 -0.99
C ARG A 42 6.83 12.72 -2.06
N CYS A 43 6.08 12.66 -3.15
CA CYS A 43 6.40 11.76 -4.26
C CYS A 43 5.87 12.31 -5.57
N THR A 44 6.70 12.29 -6.61
CA THR A 44 6.26 12.75 -7.92
C THR A 44 5.30 11.71 -8.52
N LEU A 45 4.59 12.11 -9.57
CA LEU A 45 3.63 11.19 -10.19
C LEU A 45 4.30 10.03 -10.91
N ASP A 46 5.57 10.19 -11.26
CA ASP A 46 6.28 9.10 -11.92
C ASP A 46 7.15 8.31 -10.93
N GLY A 47 6.89 8.52 -9.64
CA GLY A 47 7.42 7.64 -8.61
C GLY A 47 8.73 8.02 -7.95
N GLU A 48 9.11 9.29 -8.02
CA GLU A 48 10.32 9.72 -7.35
C GLU A 48 10.03 10.23 -5.95
N LEU A 49 10.54 9.53 -4.94
CA LEU A 49 10.39 9.96 -3.56
C LEU A 49 11.23 11.22 -3.33
N GLN A 50 10.71 12.14 -2.53
CA GLN A 50 11.42 13.38 -2.26
C GLN A 50 11.42 13.69 -0.77
N GLY A 51 12.23 14.65 -0.37
CA GLY A 51 12.31 15.05 1.03
C GLY A 51 12.81 13.91 1.90
N THR A 52 12.10 13.66 2.99
CA THR A 52 12.44 12.58 3.91
C THR A 52 11.50 11.39 3.76
N THR A 53 10.88 11.27 2.59
CA THR A 53 9.82 10.28 2.38
C THR A 53 10.33 8.87 2.19
N GLN A 54 9.79 7.94 2.98
CA GLN A 54 10.06 6.52 2.79
C GLN A 54 8.75 5.73 2.74
N LEU A 55 8.83 4.44 2.41
CA LEU A 55 7.65 3.65 2.07
C LEU A 55 6.86 3.07 3.25
N LEU A 56 7.53 2.74 4.34
CA LEU A 56 6.86 2.08 5.46
C LEU A 56 5.95 3.01 6.24
N PRO A 57 4.71 2.58 6.49
CA PRO A 57 3.79 3.33 7.37
C PRO A 57 4.32 3.38 8.80
N THR A 58 5.04 2.33 9.19
CA THR A 58 5.66 2.27 10.51
C THR A 58 6.86 3.21 10.62
N GLY A 59 7.37 3.63 9.47
CA GLY A 59 8.54 4.50 9.41
C GLY A 59 8.27 5.98 9.62
N ILE A 60 7.01 6.39 9.47
CA ILE A 60 6.64 7.80 9.53
C ILE A 60 6.75 8.35 10.96
N CYS A 61 7.58 9.40 11.11
CA CYS A 61 7.87 10.01 12.41
C CYS A 61 8.47 9.01 13.40
N ALA A 62 9.14 7.99 12.87
CA ALA A 62 9.82 7.00 13.70
C ALA A 62 11.33 7.27 13.77
N PHE A 63 11.96 6.82 14.85
CA PHE A 63 13.41 6.91 14.99
C PHE A 63 14.00 5.58 15.43
N ARG A 64 15.19 5.28 14.93
N ARG A 64 15.18 5.27 14.89
CA ARG A 64 15.94 4.09 15.34
CA ARG A 64 15.95 4.11 15.32
C ARG A 64 17.39 4.47 15.63
C ARG A 64 17.34 4.59 15.74
N GLY A 65 17.96 3.88 16.68
CA GLY A 65 19.32 4.20 17.07
C GLY A 65 19.72 3.67 18.44
N LYS A 66 20.58 4.42 19.11
CA LYS A 66 21.07 4.04 20.43
C LYS A 66 21.20 5.25 21.35
N VAL A 67 20.80 5.10 22.60
CA VAL A 67 20.99 6.13 23.60
C VAL A 67 22.45 6.18 24.03
N THR A 68 23.04 7.37 24.02
CA THR A 68 24.42 7.53 24.47
C THR A 68 24.50 7.80 25.96
N GLN A 69 23.67 8.72 26.45
CA GLN A 69 23.71 9.13 27.85
C GLN A 69 22.53 10.01 28.24
N GLN A 70 22.29 10.14 29.54
CA GLN A 70 21.39 11.17 30.06
C GLN A 70 22.12 12.51 30.05
N VAL A 71 21.38 13.58 29.77
CA VAL A 71 21.97 14.92 29.79
C VAL A 71 21.48 15.71 31.00
N ARG A 76 15.38 20.58 32.87
CA ARG A 76 13.92 20.73 32.78
C ARG A 76 13.22 19.38 32.87
N GLY A 77 13.88 18.42 33.52
CA GLY A 77 13.32 17.08 33.68
C GLY A 77 14.35 16.02 33.36
N THR A 78 13.88 14.86 32.90
CA THR A 78 14.79 13.78 32.52
C THR A 78 14.94 13.71 31.01
N HIS A 79 16.14 14.04 30.52
CA HIS A 79 16.40 14.10 29.10
C HIS A 79 17.47 13.11 28.68
N TRP A 80 17.36 12.59 27.46
CA TRP A 80 18.29 11.57 26.97
C TRP A 80 18.81 11.92 25.58
N ASN A 81 20.08 11.65 25.35
CA ASN A 81 20.68 11.87 24.04
C ASN A 81 20.75 10.56 23.26
N MET A 82 20.39 10.63 21.97
CA MET A 82 20.28 9.44 21.14
C MET A 82 20.85 9.66 19.75
N THR A 83 21.80 8.82 19.34
CA THR A 83 22.24 8.82 17.96
C THR A 83 21.17 8.16 17.11
N VAL A 84 20.91 8.72 15.93
CA VAL A 84 19.90 8.15 15.05
C VAL A 84 20.55 7.55 13.82
N THR A 85 20.05 6.38 13.42
CA THR A 85 20.51 5.73 12.20
C THR A 85 19.42 5.79 11.14
N ASN A 86 19.67 5.19 9.99
CA ASN A 86 18.61 4.94 9.04
C ASN A 86 17.64 3.95 9.67
N LEU A 87 16.41 3.91 9.18
CA LEU A 87 15.40 3.05 9.78
C LEU A 87 15.72 1.56 9.60
N ASN A 88 16.53 1.23 8.60
CA ASN A 88 16.93 -0.16 8.40
C ASN A 88 18.14 -0.56 9.24
N GLY A 89 18.56 0.32 10.14
CA GLY A 89 19.64 0.02 11.06
C GLY A 89 21.04 0.41 10.62
N THR A 90 21.20 0.72 9.34
CA THR A 90 22.47 1.21 8.84
C THR A 90 22.69 2.65 9.32
N PRO A 91 23.96 3.03 9.57
CA PRO A 91 24.24 4.38 10.06
C PRO A 91 23.83 5.45 9.06
N PHE A 92 23.35 6.58 9.54
CA PHE A 92 22.99 7.69 8.66
C PHE A 92 24.23 8.45 8.20
N ASP A 93 24.35 8.61 6.88
CA ASP A 93 25.44 9.37 6.29
C ASP A 93 24.95 10.78 5.97
N PRO A 94 25.45 11.78 6.71
CA PRO A 94 25.02 13.18 6.56
C PRO A 94 25.29 13.74 5.17
N THR A 95 26.20 13.12 4.43
CA THR A 95 26.59 13.61 3.11
C THR A 95 25.62 13.18 2.01
N GLU A 96 24.66 12.33 2.35
CA GLU A 96 23.63 11.95 1.40
C GLU A 96 22.75 13.15 1.04
N ASP A 97 22.16 13.13 -0.14
CA ASP A 97 21.35 14.24 -0.61
C ASP A 97 19.92 14.18 -0.09
N VAL A 98 19.77 14.14 1.23
CA VAL A 98 18.46 14.15 1.87
C VAL A 98 18.49 15.11 3.07
N PRO A 99 17.33 15.68 3.42
CA PRO A 99 17.28 16.66 4.53
C PRO A 99 17.65 16.08 5.88
N ALA A 100 17.42 14.77 6.05
CA ALA A 100 17.51 14.11 7.34
C ALA A 100 17.27 12.62 7.10
N PRO A 101 17.45 11.76 8.14
CA PRO A 101 17.09 10.37 7.88
C PRO A 101 15.64 10.23 7.44
N LEU A 102 15.38 9.33 6.49
CA LEU A 102 14.02 9.15 5.99
C LEU A 102 13.09 8.78 7.14
N GLY A 103 11.91 9.39 7.15
CA GLY A 103 10.93 9.17 8.20
C GLY A 103 10.97 10.22 9.31
N THR A 104 12.00 11.05 9.31
CA THR A 104 12.12 12.13 10.29
C THR A 104 10.89 13.03 10.22
N PRO A 105 10.34 13.43 11.39
CA PRO A 105 9.19 14.35 11.44
C PRO A 105 9.44 15.65 10.69
N ASP A 106 8.44 16.13 9.98
CA ASP A 106 8.62 17.32 9.14
C ASP A 106 7.89 18.55 9.66
N PHE A 107 7.67 18.64 10.97
CA PHE A 107 6.99 19.80 11.52
C PHE A 107 7.46 20.12 12.94
N SER A 108 7.17 21.34 13.37
CA SER A 108 7.52 21.79 14.71
C SER A 108 6.47 21.35 15.74
N GLY A 109 6.94 20.81 16.86
CA GLY A 109 6.04 20.44 17.94
C GLY A 109 6.66 19.47 18.93
N GLN A 110 5.88 19.09 19.92
CA GLN A 110 6.32 18.12 20.91
C GLN A 110 5.67 16.77 20.61
N ILE A 111 6.43 15.92 19.94
CA ILE A 111 5.89 14.64 19.48
C ILE A 111 5.97 13.60 20.58
N TYR A 112 4.81 13.06 20.91
CA TYR A 112 4.66 12.10 22.01
C TYR A 112 4.65 10.68 21.47
N GLY A 113 5.32 9.78 22.18
CA GLY A 113 5.42 8.40 21.74
C GLY A 113 6.05 7.50 22.78
N VAL A 114 6.44 6.30 22.36
CA VAL A 114 7.08 5.37 23.27
C VAL A 114 8.50 5.03 22.79
N ILE A 115 9.46 5.15 23.70
CA ILE A 115 10.81 4.70 23.44
C ILE A 115 10.96 3.29 23.98
N SER A 116 11.37 2.34 23.14
CA SER A 116 11.56 0.97 23.58
C SER A 116 12.98 0.49 23.27
N GLN A 117 13.50 -0.39 24.11
CA GLN A 117 14.86 -0.91 23.94
C GLN A 117 14.93 -2.43 24.05
N ARG A 118 15.68 -3.04 23.15
CA ARG A 118 16.04 -4.45 23.26
C ARG A 118 17.57 -4.57 23.25
N ASN A 119 18.13 -5.00 24.37
CA ASN A 119 19.59 -5.10 24.52
C ASN A 119 20.24 -6.05 23.52
N THR A 120 21.45 -5.69 23.10
CA THR A 120 22.26 -6.54 22.22
C THR A 120 22.57 -7.87 22.88
N ASN A 128 21.60 -15.63 27.08
CA ASN A 128 20.36 -16.12 26.45
C ASN A 128 19.47 -14.98 25.98
N LEU A 129 18.35 -14.79 26.69
CA LEU A 129 17.36 -13.79 26.31
C LEU A 129 17.78 -12.37 26.70
N PRO A 130 17.60 -11.41 25.78
CA PRO A 130 17.95 -10.00 26.00
C PRO A 130 16.95 -9.29 26.92
N ALA A 131 17.42 -8.29 27.64
CA ALA A 131 16.56 -7.50 28.51
C ALA A 131 15.82 -6.41 27.73
N ASN A 132 14.68 -5.97 28.25
CA ASN A 132 13.86 -4.98 27.57
C ASN A 132 13.32 -3.90 28.49
N ARG A 133 13.02 -2.73 27.92
CA ARG A 133 12.28 -1.70 28.63
C ARG A 133 11.64 -0.72 27.64
N ALA A 134 10.54 -0.09 28.06
CA ALA A 134 9.86 0.90 27.24
C ALA A 134 9.20 1.94 28.12
N HIS A 135 9.29 3.21 27.71
CA HIS A 135 8.67 4.30 28.45
C HIS A 135 8.14 5.38 27.51
N GLU A 136 7.13 6.12 27.97
CA GLU A 136 6.62 7.26 27.20
C GLU A 136 7.72 8.30 27.06
N ALA A 137 7.76 8.96 25.91
CA ALA A 137 8.78 9.96 25.66
C ALA A 137 8.24 11.09 24.80
N VAL A 138 8.92 12.23 24.84
CA VAL A 138 8.55 13.38 24.03
C VAL A 138 9.77 13.89 23.28
N ILE A 139 9.61 14.13 21.98
CA ILE A 139 10.66 14.74 21.18
C ILE A 139 10.23 16.11 20.67
N ALA A 140 10.91 17.15 21.14
CA ALA A 140 10.66 18.51 20.68
C ALA A 140 11.49 18.79 19.43
N THR A 141 10.80 18.94 18.30
CA THR A 141 11.49 19.08 17.01
C THR A 141 11.94 20.51 16.75
N TYR A 142 11.53 21.44 17.62
CA TYR A 142 11.92 22.83 17.49
C TYR A 142 13.17 23.12 18.31
N SER A 143 13.55 22.17 19.15
CA SER A 143 14.66 22.34 20.06
C SER A 143 15.98 22.41 19.31
N PRO A 144 16.94 23.22 19.80
CA PRO A 144 18.28 23.29 19.23
C PRO A 144 18.99 21.95 19.19
N LYS A 145 18.63 21.05 20.10
CA LYS A 145 19.31 19.75 20.19
C LYS A 145 18.60 18.67 19.39
N PHE A 146 17.64 19.09 18.56
CA PHE A 146 17.05 18.20 17.56
C PHE A 146 17.86 18.33 16.26
N THR A 147 18.87 17.48 16.10
CA THR A 147 19.73 17.54 14.93
C THR A 147 19.89 16.20 14.22
N PRO A 148 18.79 15.67 13.66
CA PRO A 148 18.82 14.35 13.00
C PRO A 148 19.77 14.29 11.80
N LYS A 149 19.91 15.42 11.09
CA LYS A 149 20.84 15.49 9.97
C LYS A 149 22.29 15.29 10.45
N LEU A 150 22.54 15.61 11.71
CA LEU A 150 23.85 15.38 12.30
C LEU A 150 23.91 14.03 13.01
N GLY A 151 22.83 13.25 12.90
CA GLY A 151 22.79 11.91 13.46
C GLY A 151 22.53 11.85 14.96
N ASN A 152 21.98 12.93 15.52
CA ASN A 152 21.78 13.00 16.95
C ASN A 152 20.52 13.77 17.33
N ILE A 153 19.69 13.20 18.21
CA ILE A 153 18.52 13.91 18.71
C ILE A 153 18.37 13.70 20.22
N GLN A 154 17.46 14.47 20.81
CA GLN A 154 17.20 14.38 22.25
C GLN A 154 15.73 14.07 22.51
N PHE A 155 15.46 13.29 23.56
CA PHE A 155 14.08 13.03 23.98
C PHE A 155 13.96 13.07 25.49
N SER A 156 12.79 13.47 25.98
CA SER A 156 12.56 13.55 27.41
C SER A 156 11.56 12.47 27.86
N THR A 157 11.71 12.03 29.10
CA THR A 157 10.83 11.01 29.65
C THR A 157 10.30 11.42 31.02
N TRP A 158 9.11 10.94 31.36
CA TRP A 158 8.61 11.05 32.72
C TRP A 158 9.42 10.12 33.62
N GLU A 159 9.80 8.97 33.06
CA GLU A 159 10.69 8.04 33.74
C GLU A 159 12.04 8.70 33.95
N THR A 160 12.63 8.51 35.13
CA THR A 160 13.82 9.24 35.49
C THR A 160 15.15 8.48 35.32
N GLN A 161 15.12 7.15 35.41
CA GLN A 161 16.37 6.40 35.39
C GLN A 161 16.41 5.17 34.47
N ASP A 162 15.26 4.57 34.18
CA ASP A 162 15.25 3.27 33.53
C ASP A 162 15.38 3.33 32.01
N VAL A 163 16.43 4.00 31.54
CA VAL A 163 16.80 4.00 30.13
C VAL A 163 18.27 3.60 30.00
N SER A 164 18.56 2.67 29.11
CA SER A 164 19.91 2.11 29.03
C SER A 164 20.74 2.72 27.90
N SER A 165 21.98 3.07 28.21
CA SER A 165 22.91 3.62 27.24
C SER A 165 23.57 2.52 26.40
N GLY A 166 23.81 2.82 25.13
CA GLY A 166 24.51 1.91 24.25
C GLY A 166 23.69 0.71 23.81
N GLN A 167 22.37 0.81 23.95
CA GLN A 167 21.48 -0.28 23.56
C GLN A 167 20.52 0.16 22.46
N PRO A 168 20.15 -0.78 21.57
CA PRO A 168 19.27 -0.49 20.43
C PRO A 168 17.94 0.12 20.87
N THR A 169 17.57 1.23 20.24
CA THR A 169 16.44 2.03 20.69
C THR A 169 15.49 2.36 19.53
N LYS A 170 14.19 2.30 19.81
CA LYS A 170 13.17 2.58 18.82
C LYS A 170 12.14 3.58 19.38
N PHE A 171 11.76 4.57 18.56
CA PHE A 171 10.70 5.49 18.95
C PHE A 171 9.44 5.20 18.15
N THR A 172 8.37 4.86 18.85
CA THR A 172 7.06 4.66 18.22
C THR A 172 6.17 5.87 18.47
N PRO A 173 5.84 6.62 17.40
CA PRO A 173 5.02 7.82 17.54
C PRO A 173 3.57 7.49 17.88
N VAL A 174 2.97 8.28 18.76
CA VAL A 174 1.57 8.11 19.13
C VAL A 174 0.77 9.37 18.83
N GLY A 175 1.30 10.52 19.26
CA GLY A 175 0.63 11.79 19.04
C GLY A 175 1.47 12.98 19.46
N LEU A 176 0.80 14.03 19.92
CA LEU A 176 1.50 15.20 20.43
C LEU A 176 1.41 15.25 21.95
N ALA A 177 2.42 15.82 22.58
CA ALA A 177 2.42 16.01 24.03
C ALA A 177 1.44 17.11 24.42
N SER A 178 1.43 18.17 23.62
CA SER A 178 0.62 19.35 23.90
C SER A 178 0.52 20.23 22.66
N VAL A 179 -0.50 21.08 22.61
CA VAL A 179 -0.56 22.11 21.58
C VAL A 179 -0.68 23.48 22.23
N ASP A 180 -0.28 23.57 23.50
CA ASP A 180 -0.24 24.86 24.19
C ASP A 180 0.75 25.80 23.48
N ALA A 181 0.70 27.07 23.84
CA ALA A 181 1.54 28.07 23.19
C ALA A 181 3.02 27.73 23.34
N ASN A 182 3.39 27.20 24.51
CA ASN A 182 4.78 26.88 24.80
C ASN A 182 5.21 25.50 24.27
N SER A 183 4.35 24.87 23.48
CA SER A 183 4.68 23.59 22.87
C SER A 183 5.04 23.77 21.40
N HIS A 184 4.80 24.98 20.89
CA HIS A 184 5.21 25.38 19.55
C HIS A 184 4.79 24.40 18.44
N PHE A 185 3.54 23.98 18.45
CA PHE A 185 3.02 23.15 17.37
C PHE A 185 2.65 24.00 16.16
N ASP A 186 3.37 23.76 15.07
CA ASP A 186 3.04 24.37 13.77
C ASP A 186 3.36 23.36 12.67
N GLN A 187 2.32 22.83 12.05
CA GLN A 187 2.47 21.75 11.08
C GLN A 187 3.18 22.17 9.80
N TRP A 188 3.24 23.48 9.53
CA TRP A 188 3.87 23.96 8.31
C TRP A 188 5.25 24.58 8.56
N THR A 189 5.69 24.59 9.81
CA THR A 189 7.05 25.03 10.12
C THR A 189 7.99 23.84 10.18
N LEU A 190 8.96 23.80 9.26
CA LEU A 190 9.93 22.72 9.24
C LEU A 190 10.88 22.82 10.42
N PRO A 191 11.35 21.66 10.92
CA PRO A 191 12.40 21.67 11.93
C PRO A 191 13.73 22.14 11.32
N SER A 192 14.66 22.56 12.16
CA SER A 192 16.03 22.76 11.70
C SER A 192 16.78 21.45 11.86
N TYR A 193 16.88 20.71 10.75
CA TYR A 193 17.39 19.36 10.78
C TYR A 193 18.84 19.27 11.25
N SER A 194 19.62 20.33 10.98
CA SER A 194 21.01 20.38 11.44
C SER A 194 21.15 21.30 12.65
N GLY A 195 20.04 21.68 13.23
CA GLY A 195 20.03 22.58 14.34
C GLY A 195 20.31 24.02 13.95
N ALA A 196 20.72 24.77 14.95
CA ALA A 196 20.86 26.20 14.87
C ALA A 196 21.84 26.69 13.87
N LEU A 197 21.44 27.76 13.21
CA LEU A 197 22.29 28.55 12.40
C LEU A 197 22.80 27.74 11.24
N THR A 198 22.07 26.69 10.91
CA THR A 198 22.32 26.02 9.67
C THR A 198 21.05 25.90 8.89
N LEU A 199 21.20 25.83 7.59
CA LEU A 199 20.05 25.80 6.71
C LEU A 199 19.71 24.37 6.29
N ASN A 200 18.43 24.10 6.10
CA ASN A 200 18.00 22.79 5.60
C ASN A 200 18.44 22.61 4.16
N MET A 201 18.74 21.36 3.79
CA MET A 201 19.23 21.08 2.45
C MET A 201 18.47 19.93 1.80
N ASN A 202 18.46 19.91 0.46
CA ASN A 202 17.85 18.84 -0.31
C ASN A 202 16.36 18.69 -0.03
N LEU A 203 15.71 19.79 0.32
CA LEU A 203 14.28 19.80 0.63
C LEU A 203 13.42 19.53 -0.59
N ALA A 204 12.32 18.81 -0.38
CA ALA A 204 11.27 18.71 -1.40
C ALA A 204 10.73 20.11 -1.62
N PRO A 205 10.39 20.45 -2.87
CA PRO A 205 9.99 21.84 -3.19
C PRO A 205 8.67 22.23 -2.53
N SER A 206 8.50 23.54 -2.31
CA SER A 206 7.24 24.05 -1.78
C SER A 206 6.14 23.87 -2.82
N VAL A 207 4.89 23.83 -2.35
CA VAL A 207 3.76 23.64 -3.26
C VAL A 207 2.73 24.74 -3.05
N ALA A 208 2.07 25.13 -4.15
CA ALA A 208 1.07 26.18 -4.11
C ALA A 208 0.20 26.13 -5.36
N PRO A 209 -1.03 26.67 -5.28
CA PRO A 209 -1.80 26.82 -6.51
C PRO A 209 -1.23 27.93 -7.38
N VAL A 210 -1.12 27.70 -8.68
CA VAL A 210 -0.55 28.69 -9.59
C VAL A 210 -1.62 29.29 -10.49
N PHE A 211 -2.88 29.08 -10.13
CA PHE A 211 -4.00 29.56 -10.93
C PHE A 211 -5.05 30.18 -10.01
N PRO A 212 -5.61 31.33 -10.42
CA PRO A 212 -6.54 32.08 -9.58
C PRO A 212 -7.83 31.31 -9.30
N GLY A 213 -8.31 31.38 -8.06
CA GLY A 213 -9.50 30.66 -7.66
C GLY A 213 -9.23 29.24 -7.21
N GLU A 214 -7.96 28.82 -7.21
CA GLU A 214 -7.62 27.48 -6.78
C GLU A 214 -6.89 27.48 -5.44
N CYS A 215 -7.10 26.42 -4.66
CA CYS A 215 -6.39 26.24 -3.41
C CYS A 215 -5.94 24.79 -3.27
N LEU A 216 -5.06 24.54 -2.31
CA LEU A 216 -4.58 23.19 -2.05
C LEU A 216 -5.67 22.32 -1.45
N LEU A 217 -5.72 21.05 -1.85
CA LEU A 217 -6.60 20.09 -1.22
C LEU A 217 -5.79 19.14 -0.36
N PHE A 218 -6.18 19.00 0.90
CA PHE A 218 -5.44 18.17 1.85
C PHE A 218 -6.20 16.92 2.26
N PHE A 219 -5.44 15.88 2.61
CA PHE A 219 -5.98 14.72 3.31
C PHE A 219 -5.70 14.93 4.80
N ARG A 220 -6.76 15.12 5.59
CA ARG A 220 -6.60 15.56 6.97
C ARG A 220 -6.84 14.46 7.99
N SER A 221 -5.94 14.36 8.96
CA SER A 221 -6.06 13.41 10.05
C SER A 221 -5.95 14.14 11.39
N PHE A 222 -6.76 13.73 12.35
CA PHE A 222 -6.68 14.29 13.70
C PHE A 222 -5.72 13.48 14.56
N ILE A 223 -4.87 14.19 15.30
CA ILE A 223 -3.78 13.56 16.03
C ILE A 223 -4.04 13.56 17.54
N PRO A 224 -3.82 12.42 18.21
CA PRO A 224 -4.06 12.30 19.64
C PRO A 224 -3.20 13.25 20.47
N LEU A 225 -3.66 13.57 21.68
CA LEU A 225 -2.91 14.43 22.59
C LEU A 225 -2.68 13.74 23.92
N LYS A 226 -1.48 13.89 24.46
CA LYS A 226 -1.15 13.34 25.77
C LYS A 226 -1.96 14.03 26.87
N GLY A 227 -2.16 15.33 26.71
CA GLY A 227 -2.95 16.10 27.66
C GLY A 227 -3.31 17.47 27.13
N GLY A 228 -4.09 18.21 27.92
CA GLY A 228 -4.44 19.57 27.56
C GLY A 228 -5.61 19.68 26.61
N TYR A 229 -5.88 20.90 26.15
CA TYR A 229 -7.03 21.19 25.31
C TYR A 229 -6.61 21.34 23.85
N GLY A 230 -7.42 20.80 22.95
CA GLY A 230 -7.20 21.00 21.53
C GLY A 230 -7.71 19.87 20.66
N ASN A 231 -7.88 20.17 19.38
CA ASN A 231 -8.21 19.15 18.38
C ASN A 231 -7.25 19.28 17.18
N PRO A 232 -5.94 19.08 17.42
CA PRO A 232 -4.93 19.32 16.38
C PRO A 232 -5.04 18.33 15.22
N ALA A 233 -4.67 18.80 14.03
CA ALA A 233 -4.76 17.98 12.82
C ALA A 233 -3.47 18.02 12.01
N ILE A 234 -3.23 16.96 11.25
CA ILE A 234 -2.11 16.91 10.31
C ILE A 234 -2.61 16.75 8.89
N ASP A 235 -2.21 17.67 8.01
CA ASP A 235 -2.61 17.64 6.61
C ASP A 235 -1.49 17.14 5.71
N CYS A 236 -1.77 16.12 4.89
CA CYS A 236 -0.77 15.63 3.95
C CYS A 236 -1.23 15.83 2.52
N LEU A 237 -0.26 15.92 1.61
CA LEU A 237 -0.56 16.18 0.20
C LEU A 237 -1.11 14.95 -0.51
N MET A 238 -0.57 13.78 -0.15
CA MET A 238 -1.03 12.51 -0.70
C MET A 238 -0.95 11.45 0.38
N PRO A 239 -1.90 10.52 0.40
CA PRO A 239 -1.87 9.45 1.39
C PRO A 239 -0.70 8.50 1.17
N GLN A 240 -0.28 7.80 2.21
CA GLN A 240 0.90 6.93 2.13
C GLN A 240 0.71 5.85 1.08
N GLU A 241 -0.53 5.39 0.90
CA GLU A 241 -0.85 4.39 -0.11
C GLU A 241 -0.59 4.91 -1.53
N TRP A 242 -0.83 6.20 -1.74
CA TRP A 242 -0.52 6.82 -3.02
C TRP A 242 0.98 6.84 -3.27
N VAL A 243 1.75 7.16 -2.23
CA VAL A 243 3.21 7.17 -2.33
C VAL A 243 3.72 5.79 -2.72
N GLN A 244 3.24 4.77 -2.02
CA GLN A 244 3.62 3.39 -2.28
C GLN A 244 3.25 2.98 -3.71
N HIS A 245 2.06 3.39 -4.14
CA HIS A 245 1.56 3.05 -5.46
C HIS A 245 2.37 3.73 -6.57
N LEU A 246 2.58 5.03 -6.44
CA LEU A 246 3.30 5.80 -7.45
C LEU A 246 4.74 5.30 -7.62
N TYR A 247 5.38 4.98 -6.50
CA TYR A 247 6.74 4.48 -6.49
C TYR A 247 6.89 3.17 -7.27
N GLN A 248 5.93 2.27 -7.11
CA GLN A 248 6.01 0.97 -7.76
C GLN A 248 5.73 1.05 -9.25
N GLU A 249 4.70 1.81 -9.62
CA GLU A 249 4.33 1.94 -11.02
C GLU A 249 5.39 2.66 -11.83
N SER A 250 5.86 3.79 -11.32
CA SER A 250 6.83 4.63 -12.02
C SER A 250 6.34 4.93 -13.42
N ALA A 251 5.05 5.27 -13.52
CA ALA A 251 4.45 5.57 -14.81
C ALA A 251 4.87 6.97 -15.26
N PRO A 252 5.35 7.08 -16.50
CA PRO A 252 5.79 8.36 -17.05
C PRO A 252 4.64 9.39 -17.08
N SER A 253 4.91 10.59 -16.59
CA SER A 253 3.92 11.65 -16.58
C SER A 253 3.82 12.31 -17.95
N LEU A 254 2.60 12.38 -18.47
CA LEU A 254 2.41 12.86 -19.85
C LEU A 254 2.02 14.34 -19.93
N SER A 255 2.01 15.00 -18.77
CA SER A 255 1.84 16.45 -18.69
C SER A 255 2.15 16.91 -17.25
N ASP A 256 1.97 18.21 -16.99
CA ASP A 256 2.24 18.74 -15.66
C ASP A 256 1.09 18.53 -14.70
N VAL A 257 -0.08 18.21 -15.25
CA VAL A 257 -1.28 18.07 -14.45
C VAL A 257 -2.18 16.92 -14.88
N ALA A 258 -2.48 16.04 -13.93
CA ALA A 258 -3.42 14.96 -14.15
C ALA A 258 -4.81 15.35 -13.64
N LEU A 259 -5.83 15.17 -14.47
CA LEU A 259 -7.19 15.49 -14.06
C LEU A 259 -7.81 14.32 -13.32
N VAL A 260 -8.19 14.55 -12.06
CA VAL A 260 -8.81 13.50 -11.26
C VAL A 260 -10.23 13.90 -10.83
N ARG A 261 -11.11 12.90 -10.74
CA ARG A 261 -12.47 13.12 -10.29
C ARG A 261 -12.74 12.33 -9.01
N TYR A 262 -13.37 12.98 -8.03
CA TYR A 262 -13.76 12.31 -6.81
C TYR A 262 -15.12 11.66 -7.02
N VAL A 263 -15.14 10.34 -7.05
CA VAL A 263 -16.31 9.60 -7.53
C VAL A 263 -16.98 8.80 -6.43
N ASN A 264 -18.31 8.90 -6.37
CA ASN A 264 -19.10 8.01 -5.53
C ASN A 264 -19.40 6.73 -6.30
N PRO A 265 -18.74 5.63 -5.92
CA PRO A 265 -18.86 4.36 -6.63
C PRO A 265 -20.27 3.77 -6.53
N GLU A 266 -20.96 4.08 -5.43
CA GLU A 266 -22.32 3.60 -5.22
C GLU A 266 -23.29 4.20 -6.24
N THR A 267 -23.11 5.47 -6.57
CA THR A 267 -24.02 6.17 -7.47
C THR A 267 -23.40 6.45 -8.84
N GLY A 268 -22.07 6.44 -8.91
CA GLY A 268 -21.38 6.75 -10.14
C GLY A 268 -21.27 8.24 -10.37
N ARG A 269 -21.72 9.03 -9.41
CA ARG A 269 -21.71 10.49 -9.52
C ARG A 269 -20.33 11.08 -9.23
N THR A 270 -19.96 12.09 -10.01
CA THR A 270 -18.76 12.88 -9.74
C THR A 270 -19.09 13.98 -8.75
N LEU A 271 -18.54 13.90 -7.55
CA LEU A 271 -18.75 14.93 -6.53
C LEU A 271 -18.03 16.22 -6.91
N PHE A 272 -16.79 16.09 -7.38
CA PHE A 272 -16.01 17.23 -7.86
C PHE A 272 -14.78 16.75 -8.62
N GLU A 273 -14.07 17.69 -9.23
CA GLU A 273 -12.84 17.35 -9.93
C GLU A 273 -11.67 18.16 -9.38
N ALA A 274 -10.47 17.64 -9.54
CA ALA A 274 -9.28 18.30 -9.03
C ALA A 274 -8.10 18.12 -9.97
N LYS A 275 -7.10 18.96 -9.80
CA LYS A 275 -5.85 18.80 -10.52
C LYS A 275 -4.81 18.11 -9.65
N LEU A 276 -4.26 17.01 -10.15
CA LEU A 276 -3.18 16.33 -9.45
C LEU A 276 -1.86 16.68 -10.13
N HIS A 277 -1.10 17.56 -9.49
CA HIS A 277 0.11 18.12 -10.11
C HIS A 277 1.29 17.15 -10.07
N ARG A 278 2.23 17.37 -10.99
CA ARG A 278 3.39 16.50 -11.18
C ARG A 278 4.19 16.24 -9.92
N ASN A 279 4.35 17.27 -9.08
CA ASN A 279 5.16 17.14 -7.88
C ASN A 279 4.44 16.43 -6.74
N GLY A 280 3.20 16.01 -7.00
CA GLY A 280 2.46 15.22 -6.02
C GLY A 280 1.63 16.02 -5.06
N PHE A 281 0.71 16.82 -5.58
CA PHE A 281 -0.26 17.52 -4.74
C PHE A 281 -1.50 17.88 -5.55
N LEU A 282 -2.60 18.13 -4.84
CA LEU A 282 -3.88 18.41 -5.47
C LEU A 282 -4.28 19.87 -5.31
N THR A 283 -4.95 20.42 -6.31
CA THR A 283 -5.64 21.70 -6.16
C THR A 283 -7.08 21.59 -6.63
N VAL A 284 -7.95 22.42 -6.04
CA VAL A 284 -9.36 22.46 -6.41
C VAL A 284 -9.81 23.91 -6.57
N ALA A 285 -10.90 24.11 -7.31
CA ALA A 285 -11.49 25.44 -7.42
C ALA A 285 -12.51 25.64 -6.30
N ARG A 286 -12.05 26.16 -5.17
CA ARG A 286 -12.91 26.36 -4.00
C ARG A 286 -12.55 27.66 -3.28
N ASN A 287 -13.56 28.47 -2.98
CA ASN A 287 -13.35 29.70 -2.24
C ASN A 287 -13.42 29.49 -0.72
N SER A 288 -14.17 28.47 -0.31
CA SER A 288 -14.42 28.22 1.10
C SER A 288 -13.31 27.39 1.75
N ALA A 289 -13.09 27.64 3.04
CA ALA A 289 -12.19 26.83 3.85
C ALA A 289 -12.97 25.80 4.67
N GLY A 290 -12.25 24.84 5.25
CA GLY A 290 -12.85 23.83 6.10
C GLY A 290 -12.97 22.48 5.42
N PRO A 291 -13.50 21.49 6.16
CA PRO A 291 -13.66 20.12 5.64
C PRO A 291 -14.50 20.08 4.37
N VAL A 292 -14.31 19.05 3.56
CA VAL A 292 -15.07 18.87 2.35
C VAL A 292 -16.20 17.87 2.59
N VAL A 293 -17.43 18.31 2.37
CA VAL A 293 -18.58 17.44 2.58
C VAL A 293 -18.68 16.41 1.47
N ALA A 294 -18.30 15.19 1.79
CA ALA A 294 -18.25 14.11 0.80
C ALA A 294 -18.35 12.75 1.47
N PRO A 295 -18.86 11.75 0.74
CA PRO A 295 -18.96 10.39 1.28
C PRO A 295 -17.59 9.78 1.54
N THR A 296 -17.49 8.93 2.56
CA THR A 296 -16.21 8.33 2.95
C THR A 296 -15.88 7.14 2.04
N ASN A 297 -16.87 6.70 1.26
CA ASN A 297 -16.62 5.65 0.29
C ASN A 297 -16.27 6.21 -1.07
N GLY A 298 -16.01 7.52 -1.11
CA GLY A 298 -15.57 8.18 -2.34
C GLY A 298 -14.11 7.90 -2.61
N TYR A 299 -13.71 8.05 -3.87
CA TYR A 299 -12.31 7.86 -4.25
C TYR A 299 -11.95 8.70 -5.47
N PHE A 300 -10.66 8.99 -5.62
CA PHE A 300 -10.19 9.76 -6.76
C PHE A 300 -9.94 8.84 -7.95
N ARG A 301 -10.43 9.26 -9.10
CA ARG A 301 -10.28 8.48 -10.33
C ARG A 301 -9.50 9.30 -11.35
N PHE A 302 -8.45 8.71 -11.91
CA PHE A 302 -7.65 9.40 -12.93
C PHE A 302 -8.35 9.33 -14.28
N ASP A 303 -8.69 10.50 -14.83
CA ASP A 303 -9.45 10.53 -16.08
C ASP A 303 -8.65 11.01 -17.30
N SER A 304 -7.70 11.92 -17.11
CA SER A 304 -6.85 12.36 -18.22
C SER A 304 -5.67 13.25 -17.82
N TRP A 305 -4.67 13.29 -18.71
CA TRP A 305 -3.59 14.26 -18.61
C TRP A 305 -4.03 15.55 -19.28
N VAL A 306 -4.05 16.64 -18.51
CA VAL A 306 -4.51 17.92 -19.06
C VAL A 306 -3.41 18.98 -18.94
N ASN A 307 -3.75 20.21 -19.31
CA ASN A 307 -2.83 21.32 -19.16
C ASN A 307 -3.56 22.56 -18.65
N GLN A 308 -2.89 23.72 -18.68
CA GLN A 308 -3.45 24.92 -18.09
C GLN A 308 -4.67 25.46 -18.83
N PHE A 309 -4.90 24.98 -20.05
CA PHE A 309 -6.09 25.39 -20.80
C PHE A 309 -7.36 24.81 -20.17
N TYR A 310 -7.22 23.71 -19.44
CA TYR A 310 -8.36 23.12 -18.75
C TYR A 310 -8.68 23.88 -17.47
N THR A 311 -9.94 24.24 -17.29
CA THR A 311 -10.38 24.97 -16.11
C THR A 311 -11.25 24.09 -15.22
N LEU A 312 -10.86 23.95 -13.96
CA LEU A 312 -11.63 23.16 -13.00
C LEU A 312 -13.00 23.77 -12.72
N ALA A 313 -14.04 22.92 -12.74
CA ALA A 313 -15.37 23.34 -12.33
C ALA A 313 -15.34 23.70 -10.84
N PRO A 314 -16.07 24.76 -10.46
CA PRO A 314 -16.14 25.19 -9.06
C PRO A 314 -16.65 24.08 -8.14
N MET A 315 -16.09 24.02 -6.94
CA MET A 315 -16.39 22.94 -6.01
C MET A 315 -17.67 23.24 -5.23
N ASP B 1 -5.43 15.64 -36.19
CA ASP B 1 -6.52 15.06 -36.96
C ASP B 1 -7.87 15.59 -36.48
N VAL B 2 -7.86 16.75 -35.85
CA VAL B 2 -9.09 17.40 -35.41
C VAL B 2 -9.33 18.60 -36.32
N GLN B 3 -10.58 18.80 -36.72
CA GLN B 3 -10.90 19.89 -37.62
C GLN B 3 -11.80 20.91 -36.92
N LEU B 4 -11.50 22.19 -37.07
CA LEU B 4 -12.34 23.23 -36.50
C LEU B 4 -12.92 24.16 -37.56
N VAL B 5 -14.24 24.22 -37.63
CA VAL B 5 -14.92 25.13 -38.55
C VAL B 5 -15.53 26.30 -37.78
N GLU B 6 -14.97 27.49 -38.00
CA GLU B 6 -15.45 28.69 -37.35
C GLU B 6 -16.55 29.37 -38.16
N SER B 7 -17.38 30.17 -37.48
CA SER B 7 -18.41 30.95 -38.14
C SER B 7 -18.90 32.09 -37.26
N GLY B 8 -19.52 33.10 -37.88
CA GLY B 8 -20.13 34.19 -37.15
C GLY B 8 -19.35 35.50 -37.14
N GLY B 9 -18.39 35.63 -38.03
CA GLY B 9 -17.62 36.86 -38.13
C GLY B 9 -18.33 37.95 -38.91
N GLY B 10 -17.85 39.18 -38.77
CA GLY B 10 -18.35 40.28 -39.58
C GLY B 10 -18.33 41.65 -38.94
N LEU B 11 -19.02 42.59 -39.59
CA LEU B 11 -19.09 43.97 -39.12
C LEU B 11 -20.29 44.18 -38.20
N VAL B 12 -20.08 44.88 -37.09
CA VAL B 12 -21.13 45.09 -36.11
C VAL B 12 -21.12 46.52 -35.53
N GLN B 13 -22.30 47.11 -35.43
CA GLN B 13 -22.49 48.42 -34.82
C GLN B 13 -22.14 48.36 -33.33
N PRO B 14 -21.38 49.34 -32.84
CA PRO B 14 -20.98 49.36 -31.42
C PRO B 14 -22.18 49.34 -30.49
N GLY B 15 -22.04 48.63 -29.37
CA GLY B 15 -23.14 48.41 -28.44
C GLY B 15 -23.96 47.21 -28.85
N GLY B 16 -23.69 46.69 -30.04
CA GLY B 16 -24.38 45.53 -30.57
C GLY B 16 -23.79 44.22 -30.10
N SER B 17 -24.24 43.13 -30.70
CA SER B 17 -23.81 41.80 -30.27
C SER B 17 -23.43 40.91 -31.45
N LEU B 18 -22.65 39.88 -31.17
CA LEU B 18 -22.25 38.89 -32.16
C LEU B 18 -22.14 37.50 -31.52
N ARG B 19 -22.42 36.47 -32.30
CA ARG B 19 -22.29 35.10 -31.82
C ARG B 19 -21.30 34.32 -32.67
N LEU B 20 -20.23 33.85 -32.05
CA LEU B 20 -19.26 33.01 -32.75
C LEU B 20 -19.52 31.55 -32.42
N SER B 21 -19.30 30.68 -33.39
CA SER B 21 -19.44 29.24 -33.17
C SER B 21 -18.23 28.49 -33.71
N CYS B 22 -17.80 27.47 -32.97
CA CYS B 22 -16.71 26.60 -33.43
C CYS B 22 -17.09 25.14 -33.25
N ALA B 23 -17.10 24.40 -34.34
CA ALA B 23 -17.48 23.00 -34.31
C ALA B 23 -16.29 22.09 -34.59
N ALA B 24 -16.07 21.13 -33.70
CA ALA B 24 -14.92 20.23 -33.79
C ALA B 24 -15.34 18.86 -34.31
N SER B 25 -14.53 18.31 -35.21
CA SER B 25 -14.77 16.98 -35.75
C SER B 25 -13.45 16.23 -35.95
N GLY B 26 -13.55 14.92 -36.18
CA GLY B 26 -12.36 14.10 -36.40
C GLY B 26 -12.01 13.27 -35.19
N SER B 27 -10.73 13.27 -34.83
CA SER B 27 -10.25 12.47 -33.71
C SER B 27 -10.39 13.21 -32.40
N ILE B 28 -11.63 13.51 -32.01
CA ILE B 28 -11.87 14.25 -30.78
C ILE B 28 -11.98 13.29 -29.59
N PHE B 29 -11.66 13.79 -28.41
CA PHE B 29 -11.75 12.99 -27.19
C PHE B 29 -12.88 13.53 -26.32
N SER B 30 -13.37 12.70 -25.41
CA SER B 30 -14.47 13.08 -24.54
C SER B 30 -14.07 14.15 -23.52
N ILE B 31 -12.80 14.16 -23.14
CA ILE B 31 -12.29 15.19 -22.25
C ILE B 31 -11.50 16.23 -23.03
N TYR B 32 -11.87 17.50 -22.86
CA TYR B 32 -11.39 18.55 -23.74
C TYR B 32 -11.53 19.94 -23.14
N ALA B 33 -10.94 20.91 -23.82
CA ALA B 33 -11.20 22.32 -23.55
C ALA B 33 -11.20 23.09 -24.87
N MET B 34 -12.23 23.91 -25.08
CA MET B 34 -12.30 24.75 -26.27
C MET B 34 -12.37 26.21 -25.89
N GLY B 35 -11.73 27.06 -26.68
CA GLY B 35 -11.69 28.47 -26.35
C GLY B 35 -11.46 29.41 -27.53
N TRP B 36 -11.52 30.70 -27.24
CA TRP B 36 -11.28 31.71 -28.25
CA TRP B 36 -11.26 31.71 -28.26
C TRP B 36 -10.11 32.62 -27.88
N TYR B 37 -9.23 32.87 -28.85
CA TYR B 37 -8.16 33.83 -28.70
C TYR B 37 -8.44 34.96 -29.70
N ARG B 38 -7.90 36.13 -29.45
CA ARG B 38 -8.06 37.21 -30.41
C ARG B 38 -6.76 38.00 -30.59
N GLN B 39 -6.60 38.57 -31.77
CA GLN B 39 -5.46 39.43 -32.06
C GLN B 39 -5.93 40.74 -32.65
N ALA B 40 -5.90 41.79 -31.84
CA ALA B 40 -6.27 43.13 -32.29
C ALA B 40 -5.20 43.65 -33.24
N PRO B 41 -5.59 44.54 -34.18
CA PRO B 41 -4.62 45.08 -35.14
C PRO B 41 -3.44 45.77 -34.45
N GLY B 42 -2.23 45.40 -34.85
CA GLY B 42 -1.03 45.90 -34.22
C GLY B 42 -0.95 45.51 -32.76
N LYS B 43 -1.29 44.26 -32.46
CA LYS B 43 -1.22 43.72 -31.11
C LYS B 43 -0.98 42.22 -31.15
N GLN B 44 -0.73 41.62 -29.99
CA GLN B 44 -0.48 40.19 -29.93
C GLN B 44 -1.69 39.39 -29.46
N ARG B 45 -1.64 38.08 -29.67
CA ARG B 45 -2.73 37.18 -29.31
C ARG B 45 -3.01 37.18 -27.81
N GLU B 46 -4.30 37.18 -27.47
CA GLU B 46 -4.74 37.16 -26.08
C GLU B 46 -5.94 36.23 -25.91
N LEU B 47 -6.01 35.57 -24.75
CA LEU B 47 -7.16 34.71 -24.45
C LEU B 47 -8.43 35.52 -24.23
N VAL B 48 -9.52 35.09 -24.86
CA VAL B 48 -10.82 35.71 -24.65
C VAL B 48 -11.66 34.92 -23.66
N ALA B 49 -11.98 33.69 -24.04
CA ALA B 49 -12.78 32.81 -23.18
C ALA B 49 -12.54 31.35 -23.54
N SER B 50 -12.61 30.49 -22.53
CA SER B 50 -12.50 29.05 -22.76
C SER B 50 -13.51 28.30 -21.91
N ILE B 51 -13.85 27.08 -22.35
CA ILE B 51 -14.74 26.22 -21.59
C ILE B 51 -14.22 24.79 -21.62
N SER B 52 -14.32 24.10 -20.49
CA SER B 52 -13.80 22.75 -20.37
C SER B 52 -14.94 21.73 -20.24
N SER B 53 -14.64 20.48 -20.56
CA SER B 53 -15.64 19.42 -20.60
C SER B 53 -16.29 19.19 -19.24
N GLY B 54 -15.53 19.44 -18.17
CA GLY B 54 -16.05 19.34 -16.82
C GLY B 54 -17.01 20.45 -16.42
N GLY B 55 -17.11 21.46 -17.28
CA GLY B 55 -18.01 22.58 -17.02
C GLY B 55 -17.35 23.88 -16.56
N GLY B 56 -16.04 23.84 -16.32
CA GLY B 56 -15.32 25.03 -15.92
C GLY B 56 -15.21 26.04 -17.05
N THR B 57 -15.18 27.32 -16.70
CA THR B 57 -15.03 28.39 -17.69
C THR B 57 -13.99 29.41 -17.25
N ASN B 58 -13.29 30.00 -18.22
CA ASN B 58 -12.30 31.04 -17.92
C ASN B 58 -12.50 32.24 -18.83
N TYR B 59 -12.47 33.43 -18.26
CA TYR B 59 -12.66 34.67 -19.02
C TYR B 59 -11.52 35.64 -18.81
N ALA B 60 -11.17 36.36 -19.87
CA ALA B 60 -10.28 37.52 -19.73
C ALA B 60 -11.04 38.61 -18.99
N ASP B 61 -10.33 39.38 -18.17
CA ASP B 61 -10.94 40.45 -17.41
C ASP B 61 -11.60 41.51 -18.29
N SER B 62 -11.04 41.68 -19.49
CA SER B 62 -11.53 42.69 -20.42
C SER B 62 -12.92 42.39 -20.99
N VAL B 63 -13.33 41.13 -20.95
CA VAL B 63 -14.60 40.73 -21.55
C VAL B 63 -15.58 40.14 -20.53
N LYS B 64 -15.16 40.07 -19.27
CA LYS B 64 -16.02 39.57 -18.20
C LYS B 64 -17.31 40.39 -18.11
N GLY B 65 -18.44 39.70 -18.05
CA GLY B 65 -19.73 40.35 -17.92
C GLY B 65 -20.36 40.75 -19.25
N ARG B 66 -19.56 40.78 -20.30
CA ARG B 66 -20.08 41.10 -21.63
C ARG B 66 -20.16 39.86 -22.52
N PHE B 67 -19.16 38.98 -22.39
CA PHE B 67 -19.08 37.78 -23.22
C PHE B 67 -19.49 36.55 -22.43
N THR B 68 -20.17 35.63 -23.09
CA THR B 68 -20.49 34.34 -22.47
C THR B 68 -20.14 33.19 -23.41
N ILE B 69 -19.40 32.22 -22.90
CA ILE B 69 -19.07 31.03 -23.67
C ILE B 69 -19.90 29.86 -23.17
N SER B 70 -20.30 28.99 -24.09
CA SER B 70 -21.09 27.81 -23.75
C SER B 70 -20.93 26.77 -24.84
N GLY B 71 -21.51 25.59 -24.65
CA GLY B 71 -21.38 24.53 -25.62
C GLY B 71 -22.59 23.63 -25.76
N ASP B 72 -22.71 23.01 -26.92
CA ASP B 72 -23.68 21.95 -27.12
C ASP B 72 -22.90 20.68 -27.43
N ASN B 73 -22.79 19.81 -26.43
CA ASN B 73 -21.95 18.62 -26.50
C ASN B 73 -22.39 17.64 -27.60
N ALA B 74 -23.69 17.63 -27.87
CA ALA B 74 -24.24 16.75 -28.89
C ALA B 74 -23.72 17.11 -30.28
N LYS B 75 -23.44 18.39 -30.49
CA LYS B 75 -22.94 18.87 -31.77
C LYS B 75 -21.43 19.08 -31.75
N ASN B 76 -20.80 18.81 -30.62
CA ASN B 76 -19.37 19.06 -30.42
C ASN B 76 -19.00 20.50 -30.80
N THR B 77 -19.81 21.44 -30.35
CA THR B 77 -19.66 22.83 -30.76
C THR B 77 -19.67 23.77 -29.55
N VAL B 78 -18.84 24.80 -29.59
CA VAL B 78 -18.86 25.84 -28.57
C VAL B 78 -19.31 27.16 -29.16
N TYR B 79 -19.93 28.01 -28.33
CA TYR B 79 -20.45 29.29 -28.79
C TYR B 79 -19.89 30.43 -27.96
N LEU B 80 -19.59 31.54 -28.62
CA LEU B 80 -19.16 32.74 -27.93
C LEU B 80 -20.17 33.86 -28.17
N GLN B 81 -20.97 34.15 -27.16
CA GLN B 81 -21.93 35.24 -27.27
C GLN B 81 -21.29 36.54 -26.83
N MET B 82 -21.03 37.43 -27.78
CA MET B 82 -20.37 38.69 -27.48
C MET B 82 -21.38 39.82 -27.46
N ASN B 83 -21.66 40.34 -26.28
CA ASN B 83 -22.59 41.44 -26.11
C ASN B 83 -21.86 42.74 -25.79
N SER B 84 -22.56 43.87 -25.97
CA SER B 84 -22.03 45.18 -25.60
C SER B 84 -20.66 45.47 -26.23
N LEU B 85 -20.54 45.16 -27.52
CA LEU B 85 -19.27 45.27 -28.22
C LEU B 85 -18.80 46.71 -28.38
N LYS B 86 -17.50 46.93 -28.27
CA LYS B 86 -16.89 48.24 -28.45
C LYS B 86 -15.83 48.16 -29.54
N PRO B 87 -15.46 49.32 -30.12
CA PRO B 87 -14.43 49.35 -31.17
C PRO B 87 -13.13 48.62 -30.79
N GLU B 88 -12.77 48.62 -29.51
CA GLU B 88 -11.56 47.95 -29.06
C GLU B 88 -11.66 46.42 -29.14
N ASP B 89 -12.87 45.91 -29.32
CA ASP B 89 -13.06 44.46 -29.48
C ASP B 89 -12.73 44.03 -30.91
N THR B 90 -12.47 45.00 -31.78
CA THR B 90 -12.08 44.70 -33.15
C THR B 90 -10.80 43.87 -33.18
N ALA B 91 -10.89 42.68 -33.78
CA ALA B 91 -9.77 41.75 -33.82
C ALA B 91 -10.08 40.56 -34.71
N VAL B 92 -9.06 39.74 -34.95
CA VAL B 92 -9.27 38.42 -35.54
C VAL B 92 -9.47 37.42 -34.42
N TYR B 93 -10.58 36.69 -34.44
CA TYR B 93 -10.89 35.76 -33.37
C TYR B 93 -10.60 34.33 -33.78
N TYR B 94 -9.77 33.65 -33.00
CA TYR B 94 -9.31 32.29 -33.32
C TYR B 94 -9.92 31.25 -32.39
N CYS B 95 -10.42 30.15 -32.96
CA CYS B 95 -10.89 29.03 -32.16
C CYS B 95 -9.73 28.08 -31.82
N LYS B 96 -9.68 27.65 -30.56
CA LYS B 96 -8.65 26.71 -30.11
C LYS B 96 -9.26 25.56 -29.33
N ARG B 97 -8.76 24.35 -29.56
CA ARG B 97 -9.22 23.17 -28.82
C ARG B 97 -8.07 22.28 -28.36
N GLU B 98 -8.14 21.85 -27.11
CA GLU B 98 -7.22 20.85 -26.57
C GLU B 98 -7.96 19.56 -26.29
N ASP B 99 -7.48 18.46 -26.86
CA ASP B 99 -8.08 17.15 -26.64
C ASP B 99 -7.22 16.35 -25.67
N TYR B 100 -7.85 15.77 -24.65
CA TYR B 100 -7.11 15.14 -23.57
C TYR B 100 -7.35 13.64 -23.47
N SER B 101 -6.31 12.92 -23.08
CA SER B 101 -6.37 11.47 -22.98
C SER B 101 -5.62 10.99 -21.75
N ALA B 102 -6.00 9.82 -21.25
CA ALA B 102 -5.30 9.18 -20.15
C ALA B 102 -4.02 8.51 -20.62
N TYR B 103 -3.91 8.29 -21.94
CA TYR B 103 -2.84 7.47 -22.49
C TYR B 103 -1.88 8.24 -23.39
N ALA B 104 -2.09 9.54 -23.52
CA ALA B 104 -1.25 10.37 -24.37
C ALA B 104 -1.19 11.81 -23.88
N PRO B 105 -0.13 12.54 -24.25
CA PRO B 105 -0.08 13.97 -23.93
C PRO B 105 -1.21 14.74 -24.62
N PRO B 106 -1.57 15.91 -24.07
CA PRO B 106 -2.60 16.77 -24.67
C PRO B 106 -2.29 17.11 -26.13
N SER B 107 -3.33 17.11 -26.97
CA SER B 107 -3.16 17.41 -28.39
C SER B 107 -3.94 18.66 -28.75
N GLY B 108 -3.29 19.60 -29.43
CA GLY B 108 -3.89 20.88 -29.72
C GLY B 108 -4.26 21.11 -31.17
N SER B 109 -5.36 21.81 -31.39
CA SER B 109 -5.79 22.22 -32.71
C SER B 109 -6.25 23.68 -32.67
N ARG B 110 -6.17 24.36 -33.81
CA ARG B 110 -6.58 25.76 -33.88
C ARG B 110 -7.29 26.07 -35.18
N GLY B 111 -8.14 27.09 -35.16
CA GLY B 111 -8.90 27.51 -36.33
C GLY B 111 -8.20 28.62 -37.10
N ARG B 112 -8.65 28.85 -38.33
CA ARG B 112 -8.06 29.87 -39.19
C ARG B 112 -8.33 31.28 -38.66
N GLY B 113 -9.47 31.46 -38.02
CA GLY B 113 -9.82 32.76 -37.45
C GLY B 113 -10.84 33.51 -38.26
N THR B 114 -11.61 34.38 -37.59
CA THR B 114 -12.61 35.21 -38.26
C THR B 114 -12.47 36.66 -37.84
N GLN B 115 -12.63 37.57 -38.80
CA GLN B 115 -12.52 39.00 -38.52
C GLN B 115 -13.80 39.55 -37.89
N VAL B 116 -13.65 40.19 -36.74
CA VAL B 116 -14.74 40.88 -36.09
C VAL B 116 -14.44 42.37 -35.98
N THR B 117 -15.22 43.19 -36.68
CA THR B 117 -15.00 44.62 -36.70
C THR B 117 -16.14 45.38 -36.04
N VAL B 118 -15.82 46.23 -35.06
CA VAL B 118 -16.80 47.05 -34.39
C VAL B 118 -16.54 48.52 -34.67
N SER B 119 -17.43 49.17 -35.43
CA SER B 119 -17.24 50.57 -35.77
C SER B 119 -18.55 51.24 -36.19
N SER B 120 -18.63 52.55 -35.94
CA SER B 120 -19.80 53.32 -36.31
C SER B 120 -19.96 53.41 -37.82
N HIS B 121 -18.83 53.42 -38.52
CA HIS B 121 -18.82 53.52 -39.98
C HIS B 121 -19.32 52.24 -40.63
N SER C 1 -9.47 -11.46 -18.88
CA SER C 1 -9.03 -11.91 -17.56
C SER C 1 -7.81 -11.11 -17.09
N LYS C 2 -8.01 -10.31 -16.04
CA LYS C 2 -6.95 -9.45 -15.53
C LYS C 2 -5.80 -10.28 -14.94
N PRO C 3 -4.57 -10.00 -15.37
CA PRO C 3 -3.39 -10.73 -14.90
C PRO C 3 -3.12 -10.55 -13.41
N PHE C 4 -2.76 -11.64 -12.75
CA PHE C 4 -2.38 -11.61 -11.33
C PHE C 4 -0.99 -11.01 -11.15
N THR C 5 -0.84 -10.13 -10.17
CA THR C 5 0.46 -9.52 -9.87
C THR C 5 0.69 -9.39 -8.38
N LEU C 6 1.96 -9.26 -8.00
CA LEU C 6 2.35 -8.97 -6.62
C LEU C 6 3.03 -7.62 -6.58
N PRO C 7 3.03 -6.96 -5.40
CA PRO C 7 3.83 -5.74 -5.28
C PRO C 7 5.31 -6.03 -5.52
N ILE C 8 6.03 -5.09 -6.12
CA ILE C 8 7.45 -5.30 -6.36
C ILE C 8 8.28 -4.68 -5.23
N LEU C 9 7.64 -4.42 -4.11
CA LEU C 9 8.32 -3.93 -2.91
C LEU C 9 9.26 -4.99 -2.35
N THR C 10 10.45 -4.57 -1.94
CA THR C 10 11.41 -5.49 -1.34
C THR C 10 11.09 -5.75 0.13
N LEU C 11 11.83 -6.67 0.73
CA LEU C 11 11.57 -7.12 2.10
C LEU C 11 11.66 -5.97 3.11
N GLY C 12 12.62 -5.07 2.90
CA GLY C 12 12.78 -3.91 3.76
C GLY C 12 11.75 -2.82 3.50
N GLU C 13 10.89 -3.03 2.51
CA GLU C 13 9.84 -2.06 2.19
C GLU C 13 8.46 -2.64 2.49
N LEU C 14 8.41 -3.60 3.41
CA LEU C 14 7.17 -4.30 3.74
C LEU C 14 6.84 -4.26 5.23
N THR C 15 5.54 -4.39 5.53
CA THR C 15 5.03 -4.26 6.89
C THR C 15 4.27 -5.51 7.32
N ASN C 16 4.38 -5.88 8.60
CA ASN C 16 3.65 -7.02 9.14
C ASN C 16 2.15 -6.74 9.18
N SER C 17 1.35 -7.75 8.87
CA SER C 17 -0.09 -7.58 8.80
C SER C 17 -0.81 -8.03 10.08
N ARG C 18 -0.04 -8.50 11.06
CA ARG C 18 -0.63 -8.95 12.32
C ARG C 18 -0.23 -8.04 13.49
N PHE C 19 0.75 -7.17 13.26
CA PHE C 19 1.13 -6.14 14.21
C PHE C 19 1.85 -5.02 13.46
N PRO C 20 1.66 -3.76 13.87
CA PRO C 20 2.27 -2.66 13.12
C PRO C 20 3.79 -2.63 13.23
N LEU C 21 4.44 -3.50 12.47
CA LEU C 21 5.90 -3.63 12.50
C LEU C 21 6.45 -3.83 11.10
N PRO C 22 7.68 -3.37 10.85
CA PRO C 22 8.32 -3.70 9.57
C PRO C 22 8.63 -5.19 9.50
N ILE C 23 8.63 -5.76 8.30
CA ILE C 23 9.13 -7.13 8.14
C ILE C 23 10.63 -7.14 8.38
N ASP C 24 11.09 -8.05 9.23
CA ASP C 24 12.51 -8.14 9.56
C ASP C 24 13.20 -9.26 8.79
N VAL C 25 12.62 -10.46 8.81
CA VAL C 25 13.21 -11.62 8.15
C VAL C 25 12.14 -12.57 7.61
N LEU C 26 12.54 -13.41 6.65
CA LEU C 26 11.72 -14.56 6.28
C LEU C 26 12.08 -15.72 7.20
N TYR C 27 11.09 -16.56 7.50
CA TYR C 27 11.23 -17.53 8.57
C TYR C 27 10.41 -18.79 8.31
N THR C 28 10.99 -19.94 8.66
CA THR C 28 10.28 -21.22 8.59
C THR C 28 10.42 -21.97 9.90
N ASN C 29 9.43 -22.79 10.21
CA ASN C 29 9.51 -23.70 11.36
C ASN C 29 8.68 -24.94 11.13
N PRO C 30 9.27 -25.96 10.48
CA PRO C 30 8.59 -27.22 10.16
C PRO C 30 8.15 -27.97 11.40
N ASN C 31 8.82 -27.71 12.52
CA ASN C 31 8.55 -28.42 13.77
C ASN C 31 7.41 -27.81 14.57
N GLU C 32 6.78 -26.77 14.01
CA GLU C 32 5.65 -26.14 14.67
C GLU C 32 4.51 -27.13 14.89
N SER C 33 4.08 -27.25 16.15
CA SER C 33 3.03 -28.19 16.51
C SER C 33 1.65 -27.57 16.51
N ALA C 34 1.59 -26.25 16.67
CA ALA C 34 0.33 -25.54 16.77
C ALA C 34 -0.39 -25.42 15.42
N ILE C 35 -1.70 -25.31 15.47
CA ILE C 35 -2.49 -25.02 14.28
C ILE C 35 -2.34 -23.54 13.92
N VAL C 36 -1.98 -23.28 12.67
CA VAL C 36 -1.80 -21.91 12.20
C VAL C 36 -3.11 -21.37 11.63
N GLN C 37 -3.78 -20.51 12.39
CA GLN C 37 -5.07 -19.96 11.98
C GLN C 37 -5.20 -18.51 12.42
N CYS C 38 -4.22 -17.68 12.08
CA CYS C 38 -4.30 -16.26 12.35
C CYS C 38 -5.46 -15.64 11.59
N GLN C 39 -6.00 -14.54 12.12
CA GLN C 39 -7.19 -13.92 11.53
C GLN C 39 -6.90 -12.59 10.86
N ASN C 40 -5.80 -11.94 11.25
CA ASN C 40 -5.34 -10.76 10.54
C ASN C 40 -4.34 -11.13 9.46
N GLY C 41 -4.27 -10.29 8.42
CA GLY C 41 -3.39 -10.55 7.29
C GLY C 41 -3.87 -11.73 6.47
N ARG C 42 -5.19 -11.87 6.39
CA ARG C 42 -5.80 -12.96 5.64
C ARG C 42 -6.55 -12.44 4.43
N CYS C 43 -6.08 -12.82 3.24
CA CYS C 43 -6.68 -12.38 2.00
C CYS C 43 -6.44 -13.43 0.91
N THR C 44 -7.48 -13.77 0.16
CA THR C 44 -7.32 -14.71 -0.94
C THR C 44 -6.57 -14.03 -2.07
N LEU C 45 -6.08 -14.82 -3.02
CA LEU C 45 -5.32 -14.24 -4.13
C LEU C 45 -6.19 -13.40 -5.06
N ASP C 46 -7.50 -13.62 -5.02
CA ASP C 46 -8.40 -12.83 -5.84
C ASP C 46 -9.04 -11.67 -5.07
N GLY C 47 -8.49 -11.37 -3.90
CA GLY C 47 -8.81 -10.13 -3.20
C GLY C 47 -9.93 -10.18 -2.18
N GLU C 48 -10.24 -11.37 -1.67
CA GLU C 48 -11.27 -11.50 -0.64
C GLU C 48 -10.66 -11.44 0.75
N LEU C 49 -10.98 -10.40 1.51
CA LEU C 49 -10.52 -10.28 2.89
C LEU C 49 -11.22 -11.31 3.76
N GLN C 50 -10.49 -11.88 4.71
CA GLN C 50 -11.05 -12.90 5.60
C GLN C 50 -10.68 -12.62 7.05
N GLY C 51 -11.32 -13.33 7.97
CA GLY C 51 -11.06 -13.17 9.38
C GLY C 51 -11.39 -11.77 9.88
N THR C 52 -10.47 -11.16 10.60
CA THR C 52 -10.65 -9.81 11.11
C THR C 52 -9.80 -8.81 10.31
N THR C 53 -9.46 -9.19 9.08
CA THR C 53 -8.52 -8.42 8.30
C THR C 53 -9.13 -7.16 7.69
N GLN C 54 -8.49 -6.03 7.93
CA GLN C 54 -8.87 -4.77 7.30
C GLN C 54 -7.63 -4.13 6.66
N LEU C 55 -7.85 -3.07 5.88
CA LEU C 55 -6.79 -2.53 5.01
C LEU C 55 -5.79 -1.59 5.67
N LEU C 56 -6.22 -0.84 6.69
CA LEU C 56 -5.35 0.17 7.28
C LEU C 56 -4.23 -0.44 8.14
N PRO C 57 -2.98 0.01 7.91
CA PRO C 57 -1.86 -0.38 8.77
C PRO C 57 -2.06 0.14 10.19
N THR C 58 -2.75 1.28 10.30
CA THR C 58 -3.06 1.86 11.60
C THR C 58 -4.16 1.07 12.33
N GLY C 59 -4.89 0.26 11.58
CA GLY C 59 -5.97 -0.52 12.12
C GLY C 59 -5.59 -1.82 12.80
N ILE C 60 -4.37 -2.30 12.51
CA ILE C 60 -3.92 -3.59 13.04
CA ILE C 60 -3.90 -3.57 13.04
C ILE C 60 -3.73 -3.55 14.55
N CYS C 61 -4.45 -4.43 15.25
CA CYS C 61 -4.43 -4.52 16.71
C CYS C 61 -4.83 -3.22 17.39
N ALA C 62 -5.63 -2.42 16.69
CA ALA C 62 -6.13 -1.17 17.25
C ALA C 62 -7.58 -1.34 17.72
N PHE C 63 -7.98 -0.50 18.67
CA PHE C 63 -9.37 -0.49 19.14
C PHE C 63 -9.91 0.93 19.18
N ARG C 64 -11.19 1.07 18.87
CA ARG C 64 -11.88 2.35 18.98
CA ARG C 64 -11.87 2.35 18.99
C ARG C 64 -13.18 2.17 19.74
N GLY C 65 -13.53 3.14 20.57
CA GLY C 65 -14.76 3.05 21.35
C GLY C 65 -14.86 4.07 22.46
N LYS C 66 -15.51 3.66 23.55
CA LYS C 66 -15.70 4.53 24.71
C LYS C 66 -15.54 3.75 26.00
N VAL C 67 -14.88 4.35 26.99
CA VAL C 67 -14.79 3.78 28.32
C VAL C 67 -16.11 3.98 29.04
N THR C 68 -16.65 2.91 29.60
CA THR C 68 -17.88 3.00 30.38
C THR C 68 -17.62 3.31 31.85
N GLN C 69 -16.65 2.61 32.44
CA GLN C 69 -16.37 2.75 33.87
C GLN C 69 -15.08 2.05 34.28
N GLN C 70 -14.59 2.39 35.47
CA GLN C 70 -13.53 1.63 36.11
C GLN C 70 -14.12 0.35 36.69
N VAL C 71 -13.32 -0.72 36.69
CA VAL C 71 -13.76 -1.99 37.25
C VAL C 71 -13.09 -2.30 38.58
N GLY C 77 -4.89 -4.27 40.03
CA GLY C 77 -4.50 -2.93 39.60
C GLY C 77 -5.68 -2.07 39.23
N THR C 78 -5.45 -1.14 38.31
CA THR C 78 -6.52 -0.25 37.82
C THR C 78 -7.02 -0.72 36.47
N HIS C 79 -8.27 -1.17 36.42
CA HIS C 79 -8.84 -1.72 35.20
C HIS C 79 -10.02 -0.90 34.70
N TRP C 80 -10.20 -0.85 33.39
CA TRP C 80 -11.24 -0.05 32.79
C TRP C 80 -12.03 -0.86 31.78
N ASN C 81 -13.34 -0.65 31.75
CA ASN C 81 -14.17 -1.33 30.77
C ASN C 81 -14.46 -0.42 29.59
N MET C 82 -14.40 -0.99 28.39
CA MET C 82 -14.52 -0.21 27.18
C MET C 82 -15.39 -0.91 26.15
N THR C 83 -16.44 -0.24 25.69
CA THR C 83 -17.19 -0.73 24.55
C THR C 83 -16.37 -0.47 23.30
N VAL C 84 -16.35 -1.44 22.39
CA VAL C 84 -15.59 -1.29 21.16
C VAL C 84 -16.51 -1.16 19.97
N THR C 85 -16.16 -0.26 19.06
CA THR C 85 -16.91 -0.08 17.83
C THR C 85 -16.07 -0.57 16.66
N ASN C 86 -16.60 -0.43 15.45
CA ASN C 86 -15.79 -0.60 14.26
C ASN C 86 -14.76 0.51 14.23
N LEU C 87 -13.67 0.32 13.49
CA LEU C 87 -12.60 1.31 13.46
C LEU C 87 -13.04 2.62 12.81
N ASN C 88 -14.07 2.58 11.97
CA ASN C 88 -14.56 3.82 11.36
C ASN C 88 -15.56 4.57 12.23
N GLY C 89 -15.74 4.09 13.46
CA GLY C 89 -16.58 4.77 14.43
C GLY C 89 -18.02 4.30 14.50
N THR C 90 -18.46 3.54 13.50
CA THR C 90 -19.80 2.96 13.52
C THR C 90 -19.84 1.82 14.54
N PRO C 91 -20.99 1.62 15.19
CA PRO C 91 -21.10 0.55 16.20
C PRO C 91 -20.87 -0.84 15.60
N PHE C 92 -20.24 -1.72 16.36
CA PHE C 92 -20.04 -3.08 15.91
C PHE C 92 -21.32 -3.91 16.04
N ASP C 93 -21.70 -4.55 14.95
CA ASP C 93 -22.86 -5.42 14.94
C ASP C 93 -22.42 -6.87 15.08
N PRO C 94 -22.72 -7.48 16.23
CA PRO C 94 -22.30 -8.85 16.53
C PRO C 94 -22.85 -9.88 15.55
N THR C 95 -23.92 -9.53 14.84
CA THR C 95 -24.57 -10.46 13.93
C THR C 95 -23.88 -10.53 12.56
N GLU C 96 -22.91 -9.65 12.34
CA GLU C 96 -22.13 -9.70 11.11
C GLU C 96 -21.29 -10.98 11.05
N ASP C 97 -20.98 -11.43 9.84
CA ASP C 97 -20.23 -12.66 9.67
C ASP C 97 -18.72 -12.46 9.81
N VAL C 98 -18.31 -11.94 10.96
CA VAL C 98 -16.89 -11.77 11.27
C VAL C 98 -16.63 -12.22 12.70
N PRO C 99 -15.39 -12.69 12.99
CA PRO C 99 -15.06 -13.18 14.32
C PRO C 99 -15.15 -12.11 15.40
N ALA C 100 -14.93 -10.86 15.00
CA ALA C 100 -14.77 -9.74 15.92
C ALA C 100 -14.65 -8.47 15.09
N PRO C 101 -14.62 -7.28 15.73
CA PRO C 101 -14.40 -6.09 14.88
C PRO C 101 -13.09 -6.20 14.09
N LEU C 102 -13.09 -5.74 12.85
CA LEU C 102 -11.90 -5.82 12.01
C LEU C 102 -10.75 -5.10 12.69
N GLY C 103 -9.56 -5.71 12.65
CA GLY C 103 -8.40 -5.14 13.31
C GLY C 103 -8.13 -5.71 14.69
N THR C 104 -9.08 -6.45 15.23
CA THR C 104 -8.93 -7.10 16.53
C THR C 104 -7.68 -8.01 16.54
N PRO C 105 -6.89 -7.97 17.62
CA PRO C 105 -5.72 -8.84 17.74
C PRO C 105 -6.08 -10.32 17.61
N ASP C 106 -5.24 -11.08 16.91
CA ASP C 106 -5.54 -12.47 16.63
C ASP C 106 -4.65 -13.46 17.39
N PHE C 107 -4.15 -13.05 18.55
CA PHE C 107 -3.30 -13.95 19.32
C PHE C 107 -3.42 -13.72 20.82
N SER C 108 -2.97 -14.69 21.59
CA SER C 108 -3.00 -14.61 23.05
C SER C 108 -1.79 -13.84 23.58
N GLY C 109 -2.04 -12.93 24.50
CA GLY C 109 -0.95 -12.20 25.14
C GLY C 109 -1.39 -10.92 25.82
N GLN C 110 -0.42 -10.23 26.41
CA GLN C 110 -0.66 -8.94 27.04
C GLN C 110 -0.16 -7.84 26.12
N ILE C 111 -1.06 -7.24 25.37
CA ILE C 111 -0.69 -6.25 24.37
C ILE C 111 -0.56 -4.87 25.00
N TYR C 112 0.63 -4.30 24.85
CA TYR C 112 0.97 -3.01 25.45
C TYR C 112 0.81 -1.90 24.42
N GLY C 113 0.28 -0.77 24.87
CA GLY C 113 0.02 0.34 23.98
C GLY C 113 -0.40 1.61 24.72
N VAL C 114 -0.94 2.57 23.98
CA VAL C 114 -1.40 3.81 24.58
C VAL C 114 -2.89 4.01 24.36
N ILE C 115 -3.60 4.30 25.45
CA ILE C 115 -5.00 4.69 25.38
C ILE C 115 -5.07 6.21 25.36
N SER C 116 -5.70 6.76 24.34
CA SER C 116 -5.87 8.21 24.25
C SER C 116 -7.35 8.58 24.10
N GLN C 117 -7.72 9.74 24.66
CA GLN C 117 -9.10 10.20 24.62
C GLN C 117 -9.21 11.65 24.18
N ARG C 118 -10.19 11.92 23.32
CA ARG C 118 -10.58 13.28 22.99
C ARG C 118 -12.07 13.48 23.28
N ASN C 119 -12.38 14.32 24.26
CA ASN C 119 -13.76 14.53 24.68
C ASN C 119 -14.67 15.04 23.56
N THR C 120 -15.92 14.59 23.59
CA THR C 120 -16.94 15.06 22.64
C THR C 120 -17.16 16.57 22.75
N LEU C 129 -12.79 24.01 22.62
CA LEU C 129 -11.77 22.99 22.42
C LEU C 129 -11.93 21.87 23.44
N PRO C 130 -11.86 20.61 22.98
CA PRO C 130 -12.02 19.43 23.83
C PRO C 130 -10.80 19.12 24.68
N ALA C 131 -11.02 18.51 25.84
CA ALA C 131 -9.94 18.09 26.72
C ALA C 131 -9.38 16.75 26.26
N ASN C 132 -8.12 16.48 26.60
CA ASN C 132 -7.45 15.26 26.17
C ASN C 132 -6.66 14.60 27.29
N ARG C 133 -6.45 13.29 27.15
CA ARG C 133 -5.52 12.57 28.02
C ARG C 133 -5.05 11.28 27.37
N ALA C 134 -3.87 10.82 27.77
CA ALA C 134 -3.33 9.57 27.25
C ALA C 134 -2.46 8.89 28.30
N HIS C 135 -2.58 7.57 28.39
CA HIS C 135 -1.79 6.79 29.33
C HIS C 135 -1.43 5.43 28.74
N GLU C 136 -0.32 4.85 29.20
CA GLU C 136 0.04 3.49 28.79
C GLU C 136 -1.02 2.52 29.27
N ALA C 137 -1.29 1.49 28.49
CA ALA C 137 -2.29 0.51 28.85
C ALA C 137 -1.93 -0.89 28.38
N VAL C 138 -2.53 -1.90 29.00
CA VAL C 138 -2.31 -3.28 28.62
C VAL C 138 -3.64 -3.99 28.39
N ILE C 139 -3.73 -4.72 27.30
CA ILE C 139 -4.91 -5.53 27.01
C ILE C 139 -4.56 -7.02 27.00
N ALA C 140 -5.10 -7.77 27.95
CA ALA C 140 -4.91 -9.21 28.00
C ALA C 140 -5.95 -9.90 27.13
N THR C 141 -5.50 -10.48 26.03
CA THR C 141 -6.41 -11.08 25.06
C THR C 141 -6.84 -12.48 25.47
N TYR C 142 -6.23 -13.02 26.52
CA TYR C 142 -6.57 -14.34 27.02
C TYR C 142 -7.62 -14.24 28.13
N SER C 143 -7.85 -13.01 28.58
CA SER C 143 -8.74 -12.77 29.72
C SER C 143 -10.19 -13.06 29.36
N PRO C 144 -10.96 -13.54 30.34
CA PRO C 144 -12.40 -13.77 30.18
C PRO C 144 -13.16 -12.50 29.81
N LYS C 145 -12.65 -11.34 30.21
CA LYS C 145 -13.33 -10.09 29.96
C LYS C 145 -12.86 -9.43 28.67
N PHE C 146 -12.11 -10.19 27.86
CA PHE C 146 -11.80 -9.81 26.49
C PHE C 146 -12.88 -10.36 25.56
N THR C 147 -13.92 -9.56 25.31
CA THR C 147 -15.02 -10.02 24.47
C THR C 147 -15.37 -9.04 23.36
N PRO C 148 -14.46 -8.83 22.40
CA PRO C 148 -14.69 -7.86 21.31
C PRO C 148 -15.89 -8.22 20.44
N LYS C 149 -16.15 -9.51 20.26
CA LYS C 149 -17.32 -9.96 19.49
C LYS C 149 -18.61 -9.54 20.18
N LEU C 150 -18.56 -9.36 21.49
CA LEU C 150 -19.72 -8.87 22.24
C LEU C 150 -19.68 -7.36 22.39
N GLY C 151 -18.69 -6.73 21.78
CA GLY C 151 -18.60 -5.28 21.80
C GLY C 151 -18.02 -4.69 23.07
N ASN C 152 -17.31 -5.51 23.83
CA ASN C 152 -16.78 -5.08 25.14
C ASN C 152 -15.42 -5.68 25.46
N ILE C 153 -14.47 -4.82 25.87
CA ILE C 153 -13.17 -5.31 26.33
C ILE C 153 -12.73 -4.56 27.57
N GLN C 154 -11.67 -5.06 28.18
CA GLN C 154 -11.09 -4.45 29.37
C GLN C 154 -9.62 -4.12 29.14
N PHE C 155 -9.15 -3.03 29.73
CA PHE C 155 -7.72 -2.71 29.68
C PHE C 155 -7.27 -2.19 31.03
N SER C 156 -6.00 -2.43 31.36
CA SER C 156 -5.46 -2.00 32.63
C SER C 156 -4.43 -0.88 32.44
N THR C 157 -4.32 -0.01 33.42
CA THR C 157 -3.39 1.10 33.36
C THR C 157 -2.54 1.21 34.62
N TRP C 158 -1.33 1.73 34.47
CA TRP C 158 -0.53 2.12 35.62
C TRP C 158 -1.16 3.34 36.28
N GLU C 159 -1.72 4.21 35.45
CA GLU C 159 -2.48 5.36 35.92
C GLU C 159 -3.71 4.91 36.70
N THR C 160 -3.99 5.57 37.81
CA THR C 160 -5.04 5.13 38.72
C THR C 160 -6.37 5.87 38.57
N GLN C 161 -6.34 7.12 38.11
CA GLN C 161 -7.55 7.93 38.07
C GLN C 161 -7.87 8.66 36.77
N ASP C 162 -6.85 9.00 35.98
CA ASP C 162 -7.07 9.94 34.86
C ASP C 162 -7.58 9.28 33.58
N VAL C 163 -8.68 8.55 33.69
CA VAL C 163 -9.39 8.03 32.51
C VAL C 163 -10.86 8.41 32.60
N SER C 164 -11.41 8.95 31.51
CA SER C 164 -12.77 9.50 31.52
C SER C 164 -13.80 8.56 30.91
N SER C 165 -14.94 8.42 31.59
CA SER C 165 -16.04 7.59 31.11
C SER C 165 -16.87 8.32 30.06
N GLY C 166 -17.37 7.58 29.07
CA GLY C 166 -18.28 8.12 28.08
C GLY C 166 -17.63 9.03 27.06
N GLN C 167 -16.31 8.96 26.94
CA GLN C 167 -15.60 9.81 26.00
C GLN C 167 -14.87 8.95 24.96
N PRO C 168 -14.78 9.46 23.72
CA PRO C 168 -14.16 8.73 22.61
C PRO C 168 -12.73 8.29 22.93
N THR C 169 -12.47 7.00 22.70
CA THR C 169 -11.22 6.38 23.15
C THR C 169 -10.57 5.62 22.01
N LYS C 170 -9.24 5.72 21.92
CA LYS C 170 -8.46 5.04 20.90
C LYS C 170 -7.31 4.27 21.52
N PHE C 171 -7.08 3.05 21.04
CA PHE C 171 -5.94 2.27 21.49
C PHE C 171 -4.88 2.18 20.39
N THR C 172 -3.69 2.71 20.68
CA THR C 172 -2.56 2.61 19.78
C THR C 172 -1.59 1.54 20.24
N PRO C 173 -1.46 0.46 19.47
CA PRO C 173 -0.58 -0.66 19.84
C PRO C 173 0.90 -0.30 19.71
N VAL C 174 1.70 -0.74 20.67
CA VAL C 174 3.15 -0.52 20.63
C VAL C 174 3.92 -1.83 20.65
N GLY C 175 3.55 -2.71 21.58
CA GLY C 175 4.21 -4.00 21.70
C GLY C 175 3.54 -4.92 22.70
N LEU C 176 4.33 -5.75 23.36
CA LEU C 176 3.83 -6.64 24.39
C LEU C 176 4.22 -6.13 25.77
N ALA C 177 3.39 -6.40 26.77
CA ALA C 177 3.69 -6.04 28.15
C ALA C 177 4.79 -6.93 28.71
N SER C 178 4.71 -8.21 28.39
CA SER C 178 5.63 -9.21 28.92
C SER C 178 5.50 -10.50 28.11
N VAL C 179 6.54 -11.33 28.14
CA VAL C 179 6.42 -12.68 27.59
C VAL C 179 6.75 -13.71 28.66
N ASP C 180 6.66 -13.30 29.92
CA ASP C 180 6.84 -14.21 31.03
C ASP C 180 5.75 -15.30 30.97
N ALA C 181 5.93 -16.35 31.74
CA ALA C 181 5.01 -17.48 31.72
C ALA C 181 3.58 -17.06 32.06
N ASN C 182 3.45 -16.12 33.00
CA ASN C 182 2.14 -15.67 33.45
C ASN C 182 1.53 -14.58 32.56
N SER C 183 2.17 -14.31 31.43
CA SER C 183 1.65 -13.32 30.49
C SER C 183 0.98 -14.01 29.31
N HIS C 184 1.14 -15.34 29.24
CA HIS C 184 0.47 -16.19 28.27
C HIS C 184 0.59 -15.71 26.81
N PHE C 185 1.80 -15.40 26.38
CA PHE C 185 2.03 -15.06 24.99
C PHE C 185 2.14 -16.31 24.13
N ASP C 186 1.19 -16.47 23.21
CA ASP C 186 1.23 -17.53 22.20
C ASP C 186 0.66 -16.97 20.90
N GLN C 187 1.51 -16.77 19.90
CA GLN C 187 1.09 -16.10 18.67
C GLN C 187 0.11 -16.94 17.84
N TRP C 188 0.05 -18.25 18.10
CA TRP C 188 -0.84 -19.12 17.33
C TRP C 188 -2.10 -19.53 18.09
N THR C 189 -2.23 -19.06 19.33
CA THR C 189 -3.45 -19.30 20.10
C THR C 189 -4.42 -18.14 19.92
N LEU C 190 -5.57 -18.40 19.32
CA LEU C 190 -6.58 -17.38 19.11
C LEU C 190 -7.24 -16.98 20.42
N PRO C 191 -7.65 -15.70 20.53
CA PRO C 191 -8.46 -15.27 21.67
C PRO C 191 -9.85 -15.89 21.62
N SER C 192 -10.55 -15.93 22.75
CA SER C 192 -11.97 -16.24 22.73
C SER C 192 -12.74 -14.94 22.55
N TYR C 193 -13.13 -14.65 21.30
CA TYR C 193 -13.68 -13.35 20.95
C TYR C 193 -14.99 -13.05 21.68
N SER C 194 -15.76 -14.08 21.99
CA SER C 194 -17.00 -13.90 22.75
C SER C 194 -16.82 -14.32 24.20
N GLY C 195 -15.59 -14.57 24.57
CA GLY C 195 -15.26 -14.96 25.89
C GLY C 195 -15.60 -16.40 26.15
N ALA C 196 -15.57 -16.74 27.42
CA ALA C 196 -15.76 -18.10 27.88
C ALA C 196 -17.01 -18.79 27.43
N LEU C 197 -16.84 -20.06 27.11
CA LEU C 197 -17.91 -20.96 26.84
C LEU C 197 -18.69 -20.60 25.59
N THR C 198 -18.03 -19.93 24.67
CA THR C 198 -18.62 -19.69 23.39
C THR C 198 -17.51 -19.92 22.42
N LEU C 199 -17.86 -20.37 21.24
CA LEU C 199 -16.89 -20.70 20.21
C LEU C 199 -16.71 -19.55 19.24
N ASN C 200 -15.50 -19.39 18.71
CA ASN C 200 -15.25 -18.38 17.70
C ASN C 200 -16.00 -18.73 16.42
N MET C 201 -16.44 -17.71 15.69
CA MET C 201 -17.22 -17.95 14.49
C MET C 201 -16.69 -17.16 13.30
N ASN C 202 -16.97 -17.64 12.10
CA ASN C 202 -16.61 -16.97 10.86
C ASN C 202 -15.10 -16.78 10.72
N LEU C 203 -14.34 -17.70 11.31
CA LEU C 203 -12.88 -17.65 11.25
C LEU C 203 -12.33 -17.91 9.87
N ALA C 204 -11.25 -17.22 9.53
CA ALA C 204 -10.47 -17.57 8.36
C ALA C 204 -9.91 -18.98 8.58
N PRO C 205 -9.84 -19.79 7.50
CA PRO C 205 -9.45 -21.19 7.67
C PRO C 205 -7.99 -21.37 8.08
N SER C 206 -7.70 -22.49 8.73
CA SER C 206 -6.32 -22.83 9.10
C SER C 206 -5.52 -23.10 7.83
N VAL C 207 -4.20 -22.93 7.93
CA VAL C 207 -3.34 -23.15 6.77
C VAL C 207 -2.23 -24.15 7.12
N ALA C 208 -1.84 -24.95 6.13
CA ALA C 208 -0.82 -25.96 6.32
C ALA C 208 -0.26 -26.42 4.98
N PRO C 209 0.97 -26.96 4.97
CA PRO C 209 1.45 -27.57 3.73
C PRO C 209 0.74 -28.90 3.47
N VAL C 210 0.36 -29.15 2.24
CA VAL C 210 -0.31 -30.38 1.89
C VAL C 210 0.57 -31.27 1.07
N PHE C 211 1.88 -31.06 1.17
CA PHE C 211 2.78 -31.80 0.36
C PHE C 211 3.99 -32.10 1.16
N PRO C 212 4.47 -33.39 0.98
CA PRO C 212 5.58 -33.73 1.88
C PRO C 212 6.86 -33.03 1.53
N GLY C 213 7.60 -32.64 2.54
CA GLY C 213 8.82 -31.92 2.34
C GLY C 213 8.63 -30.42 2.29
N GLU C 214 7.39 -29.99 2.48
CA GLU C 214 7.08 -28.56 2.46
C GLU C 214 6.70 -28.05 3.84
N CYS C 215 7.02 -26.78 4.09
CA CYS C 215 6.62 -26.10 5.32
C CYS C 215 6.14 -24.70 5.00
N LEU C 216 5.48 -24.06 5.96
CA LEU C 216 5.01 -22.70 5.78
C LEU C 216 6.18 -21.72 5.76
N LEU C 217 6.07 -20.69 4.93
CA LEU C 217 7.04 -19.59 4.91
C LEU C 217 6.39 -18.35 5.52
N PHE C 218 7.04 -17.77 6.52
CA PHE C 218 6.49 -16.62 7.24
C PHE C 218 7.27 -15.34 6.98
N PHE C 219 6.56 -14.21 7.07
CA PHE C 219 7.20 -12.91 7.16
C PHE C 219 7.27 -12.53 8.64
N ARG C 220 8.49 -12.47 9.17
CA ARG C 220 8.67 -12.35 10.61
C ARG C 220 9.10 -10.96 11.06
N SER C 221 8.45 -10.46 12.09
CA SER C 221 8.79 -9.17 12.69
C SER C 221 9.00 -9.35 14.19
N PHE C 222 10.00 -8.66 14.74
CA PHE C 222 10.22 -8.70 16.17
C PHE C 222 9.46 -7.57 16.87
N ILE C 223 8.81 -7.91 17.97
CA ILE C 223 7.88 -7.02 18.65
C ILE C 223 8.44 -6.49 19.97
N PRO C 224 8.32 -5.17 20.19
CA PRO C 224 8.86 -4.52 21.41
C PRO C 224 8.26 -5.06 22.71
N LEU C 225 9.00 -4.87 23.80
CA LEU C 225 8.56 -5.28 25.12
C LEU C 225 8.61 -4.12 26.11
N LYS C 226 7.58 -4.01 26.94
CA LYS C 226 7.53 -2.98 27.98
C LYS C 226 8.60 -3.24 29.04
N GLY C 227 8.83 -4.51 29.34
CA GLY C 227 9.84 -4.91 30.30
C GLY C 227 10.12 -6.39 30.25
N GLY C 228 11.08 -6.84 31.06
CA GLY C 228 11.39 -8.26 31.16
C GLY C 228 12.33 -8.75 30.08
N TYR C 229 12.53 -10.07 30.05
CA TYR C 229 13.46 -10.70 29.13
C TYR C 229 12.74 -11.36 27.96
N GLY C 230 13.32 -11.24 26.77
CA GLY C 230 12.80 -11.94 25.61
C GLY C 230 13.07 -11.27 24.29
N ASN C 231 12.94 -12.04 23.21
CA ASN C 231 13.00 -11.51 21.86
C ASN C 231 11.80 -12.02 21.05
N PRO C 232 10.57 -11.66 21.48
CA PRO C 232 9.36 -12.21 20.86
C PRO C 232 9.15 -11.73 19.43
N ALA C 233 8.53 -12.58 18.61
CA ALA C 233 8.33 -12.28 17.20
C ALA C 233 6.89 -12.55 16.77
N ILE C 234 6.45 -11.84 15.74
CA ILE C 234 5.15 -12.08 15.12
C ILE C 234 5.32 -12.51 13.67
N ASP C 235 4.76 -13.67 13.33
CA ASP C 235 4.84 -14.20 11.98
C ASP C 235 3.52 -14.04 11.25
N CYS C 236 3.55 -13.42 10.07
CA CYS C 236 2.34 -13.27 9.28
C CYS C 236 2.47 -14.00 7.95
N LEU C 237 1.34 -14.40 7.39
CA LEU C 237 1.33 -15.17 6.15
C LEU C 237 1.63 -14.29 4.94
N MET C 238 1.12 -13.07 4.97
CA MET C 238 1.39 -12.09 3.92
C MET C 238 1.51 -10.71 4.54
N PRO C 239 2.43 -9.89 4.03
CA PRO C 239 2.58 -8.53 4.55
C PRO C 239 1.37 -7.68 4.20
N GLN C 240 1.14 -6.61 4.96
CA GLN C 240 -0.05 -5.79 4.79
C GLN C 240 -0.15 -5.20 3.38
N GLU C 241 1.00 -4.91 2.78
CA GLU C 241 1.04 -4.38 1.42
C GLU C 241 0.50 -5.38 0.39
N TRP C 242 0.73 -6.67 0.63
CA TRP C 242 0.16 -7.69 -0.24
C TRP C 242 -1.35 -7.73 -0.12
N VAL C 243 -1.85 -7.62 1.11
CA VAL C 243 -3.29 -7.59 1.36
C VAL C 243 -3.94 -6.44 0.60
N GLN C 244 -3.36 -5.25 0.74
CA GLN C 244 -3.86 -4.06 0.05
C GLN C 244 -3.84 -4.23 -1.47
N HIS C 245 -2.77 -4.82 -1.97
CA HIS C 245 -2.60 -5.02 -3.41
C HIS C 245 -3.60 -6.03 -3.98
N LEU C 246 -3.71 -7.18 -3.34
CA LEU C 246 -4.61 -8.24 -3.78
C LEU C 246 -6.06 -7.75 -3.79
N TYR C 247 -6.43 -7.00 -2.75
CA TYR C 247 -7.78 -6.47 -2.60
C TYR C 247 -8.18 -5.54 -3.74
N GLN C 248 -7.26 -4.68 -4.16
CA GLN C 248 -7.55 -3.70 -5.21
C GLN C 248 -7.62 -4.33 -6.60
N GLU C 249 -6.66 -5.20 -6.89
CA GLU C 249 -6.59 -5.85 -8.19
C GLU C 249 -7.77 -6.78 -8.41
N SER C 250 -8.05 -7.61 -7.41
CA SER C 250 -9.12 -8.61 -7.48
C SER C 250 -8.97 -9.46 -8.74
N ALA C 251 -7.74 -9.88 -9.01
CA ALA C 251 -7.44 -10.71 -10.18
C ALA C 251 -7.90 -12.15 -9.96
N PRO C 252 -8.63 -12.70 -10.94
CA PRO C 252 -9.11 -14.09 -10.85
C PRO C 252 -7.96 -15.08 -10.76
N SER C 253 -8.03 -16.01 -9.81
CA SER C 253 -7.01 -17.02 -9.65
C SER C 253 -7.22 -18.14 -10.68
N LEU C 254 -6.17 -18.45 -11.40
CA LEU C 254 -6.23 -19.35 -12.53
C LEU C 254 -5.83 -20.80 -12.22
N SER C 255 -5.56 -21.06 -10.96
CA SER C 255 -5.28 -22.38 -10.45
C SER C 255 -5.23 -22.21 -8.98
N ASP C 256 -4.90 -23.27 -8.29
CA ASP C 256 -4.91 -23.23 -6.88
C ASP C 256 -3.58 -22.84 -6.20
N VAL C 257 -2.53 -22.73 -7.00
CA VAL C 257 -1.19 -22.36 -6.55
C VAL C 257 -0.47 -21.47 -7.54
N ALA C 258 0.00 -20.33 -7.07
CA ALA C 258 0.83 -19.45 -7.89
C ALA C 258 2.30 -19.69 -7.57
N LEU C 259 3.10 -19.88 -8.61
CA LEU C 259 4.53 -20.09 -8.44
C LEU C 259 5.25 -18.75 -8.37
N VAL C 260 5.91 -18.50 -7.25
CA VAL C 260 6.66 -17.26 -7.08
C VAL C 260 8.14 -17.53 -6.85
N ARG C 261 8.98 -16.62 -7.34
CA ARG C 261 10.42 -16.73 -7.17
C ARG C 261 10.94 -15.54 -6.35
N TYR C 262 11.80 -15.83 -5.38
CA TYR C 262 12.43 -14.79 -4.61
C TYR C 262 13.67 -14.34 -5.35
N VAL C 263 13.63 -13.11 -5.87
CA VAL C 263 14.61 -12.64 -6.83
C VAL C 263 15.48 -11.51 -6.28
N ASN C 264 16.79 -11.64 -6.51
CA ASN C 264 17.72 -10.55 -6.25
C ASN C 264 17.75 -9.62 -7.47
N PRO C 265 17.17 -8.42 -7.34
CA PRO C 265 17.07 -7.50 -8.48
C PRO C 265 18.43 -7.00 -8.97
N GLU C 266 19.40 -6.91 -8.07
CA GLU C 266 20.74 -6.46 -8.44
C GLU C 266 21.45 -7.43 -9.38
N THR C 267 21.25 -8.72 -9.15
CA THR C 267 21.94 -9.74 -9.93
C THR C 267 21.01 -10.48 -10.89
N GLY C 268 19.71 -10.44 -10.62
CA GLY C 268 18.75 -11.16 -11.43
C GLY C 268 18.65 -12.63 -11.06
N ARG C 269 19.36 -13.02 -10.01
CA ARG C 269 19.40 -14.41 -9.57
C ARG C 269 18.18 -14.82 -8.75
N THR C 270 17.70 -16.03 -8.98
CA THR C 270 16.65 -16.63 -8.16
C THR C 270 17.24 -17.29 -6.93
N LEU C 271 16.97 -16.72 -5.75
CA LEU C 271 17.44 -17.30 -4.50
C LEU C 271 16.70 -18.61 -4.19
N PHE C 272 15.38 -18.60 -4.40
CA PHE C 272 14.57 -19.80 -4.22
C PHE C 272 13.19 -19.59 -4.81
N GLU C 273 12.39 -20.65 -4.87
CA GLU C 273 11.03 -20.54 -5.36
C GLU C 273 10.05 -21.03 -4.30
N ALA C 274 8.81 -20.57 -4.38
CA ALA C 274 7.80 -20.93 -3.40
C ALA C 274 6.44 -21.08 -4.05
N LYS C 275 5.54 -21.75 -3.33
CA LYS C 275 4.14 -21.82 -3.75
C LYS C 275 3.32 -20.80 -2.99
N LEU C 276 2.62 -19.94 -3.72
CA LEU C 276 1.71 -19.00 -3.10
C LEU C 276 0.29 -19.53 -3.29
N HIS C 277 -0.27 -20.05 -2.23
CA HIS C 277 -1.53 -20.74 -2.23
C HIS C 277 -2.68 -19.74 -2.30
N ARG C 278 -3.76 -20.18 -2.90
CA ARG C 278 -4.88 -19.34 -3.23
C ARG C 278 -5.59 -18.74 -2.03
N ASN C 279 -5.50 -19.41 -0.90
CA ASN C 279 -6.00 -18.88 0.33
C ASN C 279 -5.08 -17.86 0.97
N GLY C 280 -3.97 -17.58 0.33
CA GLY C 280 -3.08 -16.52 0.77
C GLY C 280 -2.02 -16.91 1.78
N PHE C 281 -1.18 -17.87 1.41
CA PHE C 281 -0.03 -18.23 2.23
C PHE C 281 1.04 -18.92 1.38
N LEU C 282 2.27 -18.93 1.88
CA LEU C 282 3.40 -19.49 1.14
C LEU C 282 3.89 -20.80 1.75
N THR C 283 4.33 -21.71 0.89
CA THR C 283 5.08 -22.88 1.33
C THR C 283 6.38 -23.01 0.52
N VAL C 284 7.39 -23.60 1.15
CA VAL C 284 8.68 -23.84 0.50
C VAL C 284 9.15 -25.26 0.78
N ALA C 285 10.03 -25.76 -0.08
CA ALA C 285 10.68 -27.05 0.17
C ALA C 285 11.95 -26.84 0.99
N ARG C 286 11.82 -26.91 2.32
CA ARG C 286 12.93 -26.67 3.21
C ARG C 286 12.89 -27.60 4.42
N ASN C 287 14.03 -28.23 4.72
CA ASN C 287 14.14 -29.11 5.88
C ASN C 287 14.49 -28.36 7.15
N SER C 288 15.17 -27.23 7.00
CA SER C 288 15.68 -26.47 8.13
C SER C 288 14.66 -25.51 8.72
N ALA C 289 14.75 -25.29 10.03
CA ALA C 289 13.99 -24.26 10.71
C ALA C 289 14.85 -23.02 10.89
N GLY C 290 14.22 -21.90 11.25
CA GLY C 290 14.96 -20.67 11.50
C GLY C 290 14.85 -19.68 10.35
N PRO C 291 15.48 -18.50 10.52
CA PRO C 291 15.47 -17.44 9.51
C PRO C 291 16.00 -17.89 8.16
N VAL C 292 15.59 -17.21 7.10
CA VAL C 292 16.04 -17.52 5.76
C VAL C 292 17.16 -16.55 5.36
N VAL C 293 18.32 -17.10 5.01
CA VAL C 293 19.46 -16.26 4.61
C VAL C 293 19.22 -15.71 3.21
N ALA C 294 18.89 -14.43 3.13
CA ALA C 294 18.54 -13.81 1.86
C ALA C 294 18.76 -12.30 1.93
N PRO C 295 19.02 -11.67 0.77
CA PRO C 295 19.19 -10.21 0.74
C PRO C 295 17.89 -9.50 1.09
N THR C 296 17.98 -8.35 1.76
CA THR C 296 16.81 -7.63 2.20
C THR C 296 16.19 -6.82 1.06
N ASN C 297 16.92 -6.69 -0.04
CA ASN C 297 16.39 -6.03 -1.23
C ASN C 297 15.80 -7.06 -2.20
N GLY C 298 15.64 -8.29 -1.73
CA GLY C 298 15.01 -9.33 -2.52
C GLY C 298 13.51 -9.14 -2.55
N TYR C 299 12.85 -9.73 -3.54
CA TYR C 299 11.40 -9.63 -3.64
C TYR C 299 10.82 -10.85 -4.34
N PHE C 300 9.55 -11.14 -4.07
CA PHE C 300 8.87 -12.26 -4.70
C PHE C 300 8.32 -11.84 -6.06
N ARG C 301 8.55 -12.66 -7.06
CA ARG C 301 8.08 -12.39 -8.40
C ARG C 301 7.15 -13.51 -8.85
N PHE C 302 5.96 -13.13 -9.32
CA PHE C 302 4.99 -14.11 -9.79
C PHE C 302 5.35 -14.56 -11.20
N ASP C 303 5.61 -15.85 -11.37
CA ASP C 303 6.05 -16.36 -12.66
C ASP C 303 5.02 -17.18 -13.43
N SER C 304 4.18 -17.95 -12.73
CA SER C 304 3.10 -18.69 -13.40
C SER C 304 2.10 -19.35 -12.46
N TRP C 305 0.92 -19.65 -12.99
CA TRP C 305 -0.05 -20.48 -12.29
C TRP C 305 0.28 -21.94 -12.51
N VAL C 306 0.52 -22.68 -11.43
CA VAL C 306 0.87 -24.08 -11.54
C VAL C 306 -0.12 -24.96 -10.78
N ASN C 307 0.17 -26.26 -10.71
CA ASN C 307 -0.65 -27.17 -9.95
C ASN C 307 0.23 -28.15 -9.18
N GLN C 308 -0.37 -29.19 -8.61
CA GLN C 308 0.36 -30.11 -7.75
C GLN C 308 1.40 -30.95 -8.49
N PHE C 309 1.32 -30.99 -9.81
CA PHE C 309 2.33 -31.70 -10.61
C PHE C 309 3.68 -31.00 -10.57
N TYR C 310 3.68 -29.70 -10.28
CA TYR C 310 4.92 -28.96 -10.16
C TYR C 310 5.56 -29.21 -8.79
N THR C 311 6.85 -29.55 -8.80
CA THR C 311 7.58 -29.80 -7.57
C THR C 311 8.59 -28.68 -7.29
N LEU C 312 8.48 -28.06 -6.13
CA LEU C 312 9.41 -27.01 -5.73
C LEU C 312 10.82 -27.55 -5.53
N ALA C 313 11.80 -26.86 -6.08
CA ALA C 313 13.20 -27.18 -5.85
C ALA C 313 13.54 -26.96 -4.37
N PRO C 314 14.37 -27.84 -3.80
CA PRO C 314 14.80 -27.71 -2.40
C PRO C 314 15.46 -26.36 -2.13
N MET C 315 15.22 -25.80 -0.95
CA MET C 315 15.68 -24.46 -0.63
C MET C 315 17.13 -24.46 -0.17
N ASP D 1 -1.38 -26.77 -29.78
CA ASP D 1 -1.34 -27.92 -28.89
C ASP D 1 0.09 -28.42 -28.68
N VAL D 2 0.27 -29.29 -27.70
CA VAL D 2 1.58 -29.87 -27.42
C VAL D 2 1.62 -31.35 -27.81
N GLN D 3 2.74 -31.75 -28.41
CA GLN D 3 2.98 -33.15 -28.78
C GLN D 3 4.13 -33.75 -28.00
N LEU D 4 3.92 -34.98 -27.54
CA LEU D 4 4.94 -35.72 -26.81
C LEU D 4 5.32 -36.98 -27.59
N VAL D 5 6.61 -37.10 -27.91
CA VAL D 5 7.10 -38.28 -28.60
C VAL D 5 7.85 -39.19 -27.63
N GLU D 6 7.26 -40.33 -27.33
CA GLU D 6 7.89 -41.30 -26.42
C GLU D 6 8.79 -42.27 -27.17
N SER D 7 9.76 -42.83 -26.46
CA SER D 7 10.64 -43.86 -27.01
C SER D 7 11.37 -44.62 -25.90
N GLY D 8 11.87 -45.81 -26.23
CA GLY D 8 12.69 -46.58 -25.30
C GLY D 8 12.02 -47.75 -24.62
N GLY D 9 10.86 -48.18 -25.13
CA GLY D 9 10.16 -49.32 -24.57
C GLY D 9 10.71 -50.66 -25.00
N GLY D 10 10.33 -51.72 -24.30
CA GLY D 10 10.66 -53.07 -24.73
C GLY D 10 10.84 -54.10 -23.64
N LEU D 11 11.38 -55.26 -24.03
CA LEU D 11 11.61 -56.37 -23.11
C LEU D 11 12.99 -56.28 -22.48
N VAL D 12 13.06 -56.51 -21.18
CA VAL D 12 14.33 -56.39 -20.46
C VAL D 12 14.52 -57.49 -19.41
N GLN D 13 15.73 -58.05 -19.38
CA GLN D 13 16.11 -59.05 -18.39
C GLN D 13 16.12 -58.42 -16.99
N PRO D 14 15.54 -59.12 -16.00
CA PRO D 14 15.47 -58.61 -14.63
C PRO D 14 16.85 -58.26 -14.06
N GLY D 15 16.90 -57.17 -13.30
CA GLY D 15 18.16 -56.66 -12.79
C GLY D 15 18.82 -55.72 -13.80
N GLY D 16 18.27 -55.71 -15.01
CA GLY D 16 18.79 -54.86 -16.07
C GLY D 16 18.23 -53.45 -16.00
N SER D 17 18.50 -52.67 -17.04
CA SER D 17 18.09 -51.28 -17.05
C SER D 17 17.43 -50.85 -18.36
N LEU D 18 16.69 -49.76 -18.31
CA LEU D 18 16.06 -49.19 -19.48
C LEU D 18 16.05 -47.66 -19.39
N ARG D 19 16.11 -47.00 -20.53
CA ARG D 19 16.03 -45.55 -20.57
C ARG D 19 14.87 -45.11 -21.43
N LEU D 20 13.92 -44.40 -20.82
CA LEU D 20 12.79 -43.84 -21.56
C LEU D 20 13.04 -42.37 -21.84
N SER D 21 12.58 -41.90 -23.00
CA SER D 21 12.70 -40.50 -23.36
C SER D 21 11.38 -39.93 -23.85
N CYS D 22 11.09 -38.70 -23.47
CA CYS D 22 9.90 -38.01 -23.94
C CYS D 22 10.26 -36.60 -24.40
N ALA D 23 10.01 -36.31 -25.67
CA ALA D 23 10.34 -35.01 -26.24
C ALA D 23 9.08 -34.21 -26.54
N ALA D 24 9.04 -32.97 -26.05
CA ALA D 24 7.86 -32.13 -26.22
C ALA D 24 8.09 -31.08 -27.29
N SER D 25 7.07 -30.86 -28.12
CA SER D 25 7.13 -29.85 -29.16
C SER D 25 5.78 -29.17 -29.34
N GLY D 26 5.77 -28.06 -30.07
CA GLY D 26 4.55 -27.32 -30.32
C GLY D 26 4.43 -26.08 -29.46
N SER D 27 3.26 -25.89 -28.87
CA SER D 27 3.00 -24.70 -28.05
C SER D 27 3.42 -24.93 -26.61
N ILE D 28 4.72 -25.13 -26.40
CA ILE D 28 5.25 -25.36 -25.06
C ILE D 28 5.59 -24.04 -24.38
N PHE D 29 5.55 -24.05 -23.05
CA PHE D 29 5.88 -22.86 -22.27
C PHE D 29 7.20 -23.07 -21.53
N SER D 30 7.84 -21.98 -21.13
CA SER D 30 9.13 -22.06 -20.45
C SER D 30 9.01 -22.67 -19.05
N ILE D 31 7.85 -22.50 -18.42
CA ILE D 31 7.60 -23.11 -17.12
C ILE D 31 6.72 -24.33 -17.29
N TYR D 32 7.17 -25.45 -16.75
CA TYR D 32 6.57 -26.74 -17.06
C TYR D 32 6.90 -27.81 -16.03
N ALA D 33 6.22 -28.94 -16.14
CA ALA D 33 6.59 -30.16 -15.42
C ALA D 33 6.33 -31.37 -16.31
N MET D 34 7.32 -32.25 -16.42
CA MET D 34 7.15 -33.47 -17.18
C MET D 34 7.38 -34.68 -16.30
N GLY D 35 6.63 -35.74 -16.53
CA GLY D 35 6.73 -36.93 -15.71
C GLY D 35 6.28 -38.21 -16.39
N TRP D 36 6.46 -39.32 -15.69
CA TRP D 36 5.99 -40.60 -16.19
C TRP D 36 4.97 -41.23 -15.24
N TYR D 37 3.91 -41.76 -15.83
CA TYR D 37 2.96 -42.59 -15.11
C TYR D 37 3.06 -43.99 -15.69
N ARG D 38 2.66 -44.99 -14.92
CA ARG D 38 2.63 -46.36 -15.45
C ARG D 38 1.38 -47.09 -14.98
N GLN D 39 0.94 -48.05 -15.78
CA GLN D 39 -0.20 -48.88 -15.42
C GLN D 39 0.16 -50.35 -15.56
N ALA D 40 0.36 -51.01 -14.43
CA ALA D 40 0.66 -52.43 -14.41
C ALA D 40 -0.59 -53.21 -14.82
N PRO D 41 -0.41 -54.40 -15.42
CA PRO D 41 -1.55 -55.21 -15.84
C PRO D 41 -2.48 -55.54 -14.67
N GLY D 42 -3.77 -55.28 -14.85
CA GLY D 42 -4.74 -55.45 -13.78
C GLY D 42 -4.47 -54.54 -12.59
N LYS D 43 -4.14 -53.29 -12.88
CA LYS D 43 -3.91 -52.29 -11.85
C LYS D 43 -4.24 -50.90 -12.40
N GLN D 44 -4.25 -49.90 -11.52
CA GLN D 44 -4.56 -48.53 -11.93
C GLN D 44 -3.31 -47.66 -12.10
N ARG D 45 -3.49 -46.51 -12.73
CA ARG D 45 -2.41 -45.57 -13.00
C ARG D 45 -1.70 -45.09 -11.74
N GLU D 46 -0.38 -44.98 -11.82
CA GLU D 46 0.43 -44.50 -10.70
C GLU D 46 1.53 -43.57 -11.19
N LEU D 47 1.84 -42.57 -10.39
CA LEU D 47 2.97 -41.69 -10.68
C LEU D 47 4.29 -42.46 -10.50
N VAL D 48 5.18 -42.33 -11.47
CA VAL D 48 6.51 -42.94 -11.35
C VAL D 48 7.53 -41.89 -10.91
N ALA D 49 7.72 -40.89 -11.75
CA ALA D 49 8.65 -39.81 -11.47
C ALA D 49 8.28 -38.58 -12.28
N SER D 50 8.54 -37.41 -11.72
CA SER D 50 8.31 -36.16 -12.44
C SER D 50 9.46 -35.19 -12.18
N ILE D 51 9.64 -34.25 -13.09
CA ILE D 51 10.65 -33.21 -12.92
C ILE D 51 10.06 -31.87 -13.35
N SER D 52 10.40 -30.82 -12.61
CA SER D 52 9.86 -29.50 -12.90
C SER D 52 10.94 -28.55 -13.40
N SER D 53 10.52 -27.49 -14.09
CA SER D 53 11.43 -26.57 -14.75
C SER D 53 12.35 -25.88 -13.77
N GLY D 54 11.87 -25.66 -12.54
CA GLY D 54 12.69 -25.08 -11.50
C GLY D 54 13.76 -26.02 -10.97
N GLY D 55 13.69 -27.28 -11.38
CA GLY D 55 14.68 -28.27 -10.97
C GLY D 55 14.21 -29.28 -9.92
N GLY D 56 13.01 -29.07 -9.37
CA GLY D 56 12.49 -30.00 -8.39
C GLY D 56 12.12 -31.33 -9.00
N THR D 57 12.25 -32.40 -8.21
CA THR D 57 11.89 -33.74 -8.68
C THR D 57 11.03 -34.49 -7.67
N ASN D 58 10.15 -35.34 -8.18
CA ASN D 58 9.29 -36.16 -7.33
C ASN D 58 9.32 -37.63 -7.76
N TYR D 59 9.47 -38.53 -6.79
CA TYR D 59 9.54 -39.95 -7.07
C TYR D 59 8.51 -40.74 -6.26
N ALA D 60 7.95 -41.78 -6.88
CA ALA D 60 7.16 -42.75 -6.13
C ALA D 60 8.10 -43.55 -5.23
N ASP D 61 7.62 -43.94 -4.06
CA ASP D 61 8.42 -44.68 -3.09
C ASP D 61 8.90 -46.03 -3.66
N SER D 62 8.11 -46.60 -4.55
CA SER D 62 8.43 -47.90 -5.12
C SER D 62 9.65 -47.90 -6.04
N VAL D 63 10.00 -46.73 -6.55
CA VAL D 63 11.10 -46.62 -7.52
C VAL D 63 12.25 -45.74 -7.03
N LYS D 64 12.11 -45.18 -5.84
CA LYS D 64 13.16 -44.35 -5.25
C LYS D 64 14.48 -45.13 -5.16
N GLY D 65 15.57 -44.50 -5.63
CA GLY D 65 16.88 -45.13 -5.55
C GLY D 65 17.21 -46.02 -6.74
N ARG D 66 16.19 -46.42 -7.49
CA ARG D 66 16.41 -47.24 -8.68
C ARG D 66 16.24 -46.41 -9.95
N PHE D 67 15.28 -45.51 -9.94
CA PHE D 67 14.96 -44.72 -11.14
C PHE D 67 15.48 -43.30 -10.98
N THR D 68 15.95 -42.73 -12.09
CA THR D 68 16.37 -41.33 -12.11
C THR D 68 15.75 -40.60 -13.29
N ILE D 69 15.12 -39.46 -13.01
CA ILE D 69 14.57 -38.63 -14.07
C ILE D 69 15.47 -37.41 -14.25
N SER D 70 15.58 -36.96 -15.50
CA SER D 70 16.39 -35.80 -15.83
C SER D 70 15.91 -35.22 -17.14
N GLY D 71 16.49 -34.09 -17.54
CA GLY D 71 16.07 -33.46 -18.77
C GLY D 71 17.20 -32.75 -19.49
N ASP D 72 17.04 -32.60 -20.80
CA ASP D 72 17.93 -31.75 -21.57
C ASP D 72 17.06 -30.64 -22.18
N ASN D 73 17.15 -29.46 -21.58
CA ASN D 73 16.28 -28.34 -21.93
C ASN D 73 16.44 -27.88 -23.37
N ALA D 74 17.63 -28.06 -23.92
CA ALA D 74 17.92 -27.66 -25.29
C ALA D 74 17.08 -28.46 -26.28
N LYS D 75 16.80 -29.71 -25.94
CA LYS D 75 16.02 -30.59 -26.81
C LYS D 75 14.56 -30.70 -26.37
N ASN D 76 14.21 -30.00 -25.29
CA ASN D 76 12.89 -30.09 -24.68
C ASN D 76 12.48 -31.53 -24.39
N THR D 77 13.42 -32.29 -23.83
CA THR D 77 13.23 -33.72 -23.64
C THR D 77 13.55 -34.13 -22.21
N VAL D 78 12.77 -35.06 -21.66
CA VAL D 78 13.07 -35.63 -20.36
C VAL D 78 13.43 -37.10 -20.49
N TYR D 79 14.26 -37.58 -19.59
CA TYR D 79 14.72 -38.96 -19.63
C TYR D 79 14.42 -39.68 -18.32
N LEU D 80 14.02 -40.95 -18.43
CA LEU D 80 13.81 -41.77 -17.26
C LEU D 80 14.78 -42.94 -17.28
N GLN D 81 15.80 -42.87 -16.44
CA GLN D 81 16.77 -43.96 -16.34
C GLN D 81 16.28 -44.96 -15.30
N MET D 82 15.83 -46.11 -15.77
CA MET D 82 15.31 -47.14 -14.87
C MET D 82 16.34 -48.24 -14.69
N ASN D 83 16.92 -48.30 -13.49
CA ASN D 83 17.92 -49.32 -13.18
C ASN D 83 17.36 -50.38 -12.25
N SER D 84 18.04 -51.52 -12.17
CA SER D 84 17.68 -52.59 -11.25
C SER D 84 16.23 -53.02 -11.39
N LEU D 85 15.79 -53.20 -12.64
CA LEU D 85 14.40 -53.51 -12.93
C LEU D 85 13.99 -54.90 -12.47
N LYS D 86 12.77 -55.01 -11.95
CA LYS D 86 12.21 -56.29 -11.52
C LYS D 86 10.85 -56.53 -12.19
N PRO D 87 10.38 -57.79 -12.23
CA PRO D 87 9.12 -58.14 -12.88
C PRO D 87 7.92 -57.28 -12.48
N GLU D 88 7.89 -56.79 -11.25
CA GLU D 88 6.79 -55.94 -10.79
C GLU D 88 6.79 -54.57 -11.46
N ASP D 89 7.89 -54.22 -12.11
CA ASP D 89 7.96 -52.96 -12.86
C ASP D 89 7.30 -53.07 -14.23
N THR D 90 6.89 -54.28 -14.59
CA THR D 90 6.19 -54.51 -15.86
C THR D 90 4.90 -53.69 -15.93
N ALA D 91 4.81 -52.84 -16.94
CA ALA D 91 3.66 -51.94 -17.09
C ALA D 91 3.71 -51.19 -18.41
N VAL D 92 2.63 -50.46 -18.71
CA VAL D 92 2.65 -49.49 -19.79
C VAL D 92 3.07 -48.15 -19.21
N TYR D 93 4.12 -47.56 -19.76
CA TYR D 93 4.65 -46.30 -19.21
C TYR D 93 4.23 -45.11 -20.06
N TYR D 94 3.54 -44.17 -19.44
CA TYR D 94 2.98 -42.98 -20.07
C TYR D 94 3.70 -41.67 -19.73
N CYS D 95 4.04 -40.85 -20.73
CA CYS D 95 4.64 -39.53 -20.53
C CYS D 95 3.57 -38.45 -20.35
N LYS D 96 3.74 -37.61 -19.34
CA LYS D 96 2.80 -36.53 -19.06
C LYS D 96 3.52 -35.19 -18.94
N ARG D 97 2.93 -34.13 -19.50
CA ARG D 97 3.49 -32.79 -19.37
C ARG D 97 2.43 -31.75 -19.05
N GLU D 98 2.74 -30.89 -18.09
CA GLU D 98 1.91 -29.73 -17.78
C GLU D 98 2.64 -28.44 -18.17
N ASP D 99 2.00 -27.62 -19.00
CA ASP D 99 2.59 -26.35 -19.38
C ASP D 99 1.92 -25.21 -18.64
N TYR D 100 2.73 -24.33 -18.06
CA TYR D 100 2.24 -23.31 -17.15
C TYR D 100 2.45 -21.89 -17.66
N SER D 101 1.50 -21.01 -17.33
CA SER D 101 1.53 -19.63 -17.79
C SER D 101 1.08 -18.69 -16.69
N ALA D 102 1.51 -17.42 -16.79
CA ALA D 102 1.04 -16.38 -15.88
C ALA D 102 -0.35 -15.90 -16.26
N TYR D 103 -0.76 -16.21 -17.49
CA TYR D 103 -1.98 -15.63 -18.05
C TYR D 103 -3.08 -16.65 -18.37
N ALA D 104 -2.85 -17.92 -18.04
CA ALA D 104 -3.82 -18.96 -18.34
C ALA D 104 -3.72 -20.11 -17.35
N PRO D 105 -4.80 -20.89 -17.19
CA PRO D 105 -4.73 -22.10 -16.36
C PRO D 105 -3.72 -23.09 -16.91
N PRO D 106 -3.20 -23.98 -16.06
CA PRO D 106 -2.28 -25.03 -16.52
C PRO D 106 -2.89 -25.86 -17.64
N SER D 107 -2.09 -26.20 -18.64
CA SER D 107 -2.58 -27.00 -19.76
C SER D 107 -1.83 -28.32 -19.82
N GLY D 108 -2.58 -29.41 -19.95
CA GLY D 108 -1.99 -30.73 -19.88
C GLY D 108 -1.96 -31.48 -21.20
N SER D 109 -0.92 -32.26 -21.37
CA SER D 109 -0.77 -33.14 -22.49
C SER D 109 -0.28 -34.50 -22.05
N ARG D 110 -0.51 -35.50 -22.86
CA ARG D 110 -0.18 -36.87 -22.53
C ARG D 110 0.25 -37.67 -23.74
N GLY D 111 1.04 -38.69 -23.49
CA GLY D 111 1.55 -39.53 -24.55
C GLY D 111 0.82 -40.84 -24.67
N ARG D 112 1.04 -41.52 -25.78
CA ARG D 112 0.35 -42.77 -26.06
C ARG D 112 0.78 -43.89 -25.11
N GLY D 113 2.04 -43.85 -24.69
CA GLY D 113 2.55 -44.84 -23.76
C GLY D 113 3.40 -45.90 -24.44
N THR D 114 4.33 -46.48 -23.68
CA THR D 114 5.19 -47.55 -24.18
C THR D 114 5.22 -48.73 -23.23
N GLN D 115 5.20 -49.93 -23.78
CA GLN D 115 5.20 -51.15 -22.98
C GLN D 115 6.60 -51.52 -22.49
N VAL D 116 6.73 -51.72 -21.17
CA VAL D 116 7.96 -52.19 -20.58
C VAL D 116 7.74 -53.53 -19.89
N THR D 117 8.39 -54.57 -20.40
CA THR D 117 8.23 -55.91 -19.85
C THR D 117 9.51 -56.42 -19.22
N VAL D 118 9.42 -56.82 -17.95
CA VAL D 118 10.56 -57.38 -17.24
C VAL D 118 10.29 -58.83 -16.85
N SER D 119 11.01 -59.77 -17.45
CA SER D 119 10.79 -61.19 -17.17
C SER D 119 11.96 -62.07 -17.54
N SER D 120 11.93 -63.31 -17.03
CA SER D 120 12.97 -64.31 -17.25
C SER D 120 14.32 -63.85 -16.73
C1 EDO E . 15.34 3.86 4.56
O1 EDO E . 14.19 4.18 5.34
C2 EDO E . 15.98 2.57 5.06
O2 EDO E . 16.41 2.75 6.41
C1 EDO F . 9.78 0.85 12.06
O1 EDO F . 9.62 0.75 10.64
C2 EDO F . 10.76 1.96 12.39
O2 EDO F . 10.91 2.07 13.81
C1 EDO G . 14.67 11.14 -0.94
O1 EDO G . 14.67 12.57 -1.03
C2 EDO G . 13.34 10.69 -0.37
O2 EDO G . 13.38 9.28 -0.13
C1 EDO H . 12.59 25.76 14.69
O1 EDO H . 12.04 25.37 13.42
C2 EDO H . 14.10 25.68 14.62
O2 EDO H . 14.66 26.01 15.90
C ACT I . 1.41 2.26 11.85
O ACT I . 1.01 1.95 10.72
OXT ACT I . 2.62 2.01 12.10
CH3 ACT I . 0.50 2.89 12.87
C1 EDO J . -7.46 2.97 14.40
O1 EDO J . -7.59 3.64 15.67
C2 EDO J . -6.91 3.95 13.37
O2 EDO J . -6.85 3.31 12.10
C1 EDO K . -13.48 -1.66 9.17
O1 EDO K . -12.25 -1.53 9.89
C2 EDO K . -14.15 -0.30 9.04
O2 EDO K . -14.45 0.21 10.35
C ACT L . -13.85 -9.89 -4.14
O ACT L . -12.92 -10.53 -4.68
OXT ACT L . -14.16 -8.81 -4.68
CH3 ACT L . -14.55 -10.39 -2.91
C ACT M . 11.73 -22.11 -14.92
O ACT M . 12.60 -22.99 -15.05
OXT ACT M . 10.96 -22.23 -13.94
CH3 ACT M . 11.60 -20.97 -15.90
#